data_7UV3
#
_entry.id   7UV3
#
_entity_poly.entity_id   1
_entity_poly.type   'polypeptide(L)'
_entity_poly.pdbx_seq_one_letter_code
;GKTDPELKQCKHQCKVQRQYDEEQKEQCAKGCEKYYKEKKGREQEELE
;
_entity_poly.pdbx_strand_id   A
#
# COMPACT_ATOMS: atom_id res chain seq x y z
N GLY A 1 -9.84 -20.46 2.87
CA GLY A 1 -9.73 -19.55 4.05
C GLY A 1 -8.60 -18.57 3.83
N LYS A 2 -8.85 -17.54 3.00
CA LYS A 2 -7.86 -16.51 2.70
C LYS A 2 -8.51 -15.18 2.36
N THR A 3 -7.74 -14.10 2.51
CA THR A 3 -8.22 -12.75 2.19
C THR A 3 -7.27 -12.10 1.18
N ASP A 4 -7.83 -11.54 0.10
CA ASP A 4 -7.01 -10.90 -0.94
C ASP A 4 -6.87 -9.38 -0.64
N PRO A 5 -5.68 -8.90 -0.19
CA PRO A 5 -5.46 -7.44 0.10
C PRO A 5 -5.18 -6.64 -1.17
N GLU A 6 -5.53 -5.35 -1.14
CA GLU A 6 -5.23 -4.44 -2.25
C GLU A 6 -3.71 -4.14 -2.34
N LEU A 7 -2.96 -4.48 -1.27
CA LEU A 7 -1.52 -4.26 -1.22
C LEU A 7 -0.82 -4.74 -2.49
N LYS A 8 -1.28 -5.87 -3.05
CA LYS A 8 -0.69 -6.37 -4.29
C LYS A 8 -0.84 -5.32 -5.39
N GLN A 9 -2.05 -4.76 -5.52
CA GLN A 9 -2.35 -3.79 -6.58
C GLN A 9 -1.48 -2.52 -6.48
N CYS A 10 -1.36 -1.95 -5.26
CA CYS A 10 -0.60 -0.71 -5.10
C CYS A 10 0.84 -0.93 -5.52
N LYS A 11 1.42 -2.00 -4.99
CA LYS A 11 2.79 -2.38 -5.33
C LYS A 11 2.92 -2.72 -6.84
N HIS A 12 1.89 -3.38 -7.39
CA HIS A 12 1.90 -3.76 -8.81
C HIS A 12 1.94 -2.52 -9.71
N GLN A 13 1.01 -1.58 -9.46
CA GLN A 13 0.92 -0.37 -10.28
C GLN A 13 2.22 0.41 -10.22
N CYS A 14 2.78 0.48 -9.01
CA CYS A 14 4.05 1.16 -8.79
C CYS A 14 5.24 0.32 -9.30
N LYS A 15 4.98 -0.95 -9.65
CA LYS A 15 6.00 -1.83 -10.22
C LYS A 15 6.01 -1.70 -11.76
N VAL A 16 4.81 -1.66 -12.35
CA VAL A 16 4.66 -1.62 -13.82
C VAL A 16 4.82 -0.23 -14.42
N GLN A 17 4.45 0.81 -13.67
CA GLN A 17 4.47 2.18 -14.20
C GLN A 17 5.86 2.82 -14.07
N ARG A 18 6.31 3.42 -15.17
CA ARG A 18 7.60 4.13 -15.20
C ARG A 18 7.51 5.45 -14.40
N GLN A 19 6.29 5.98 -14.27
CA GLN A 19 6.05 7.24 -13.56
C GLN A 19 6.49 7.14 -12.11
N TYR A 20 6.24 5.98 -11.49
CA TYR A 20 6.62 5.77 -10.09
C TYR A 20 8.09 5.34 -10.00
N ASP A 21 8.86 6.06 -9.18
CA ASP A 21 10.30 5.82 -9.01
C ASP A 21 10.58 4.53 -8.20
N GLU A 22 11.86 4.32 -7.81
CA GLU A 22 12.23 3.19 -6.95
C GLU A 22 11.79 3.49 -5.51
N GLU A 23 12.17 4.68 -5.04
CA GLU A 23 11.79 5.14 -3.70
C GLU A 23 10.28 5.27 -3.59
N GLN A 24 9.66 5.71 -4.68
CA GLN A 24 8.21 5.87 -4.74
C GLN A 24 7.54 4.52 -4.62
N LYS A 25 8.16 3.50 -5.24
CA LYS A 25 7.62 2.14 -5.19
C LYS A 25 7.55 1.64 -3.75
N GLU A 26 8.61 1.90 -2.96
CA GLU A 26 8.62 1.40 -1.57
C GLU A 26 7.58 2.10 -0.72
N GLN A 27 7.50 3.43 -0.85
CA GLN A 27 6.49 4.23 -0.15
C GLN A 27 5.08 3.83 -0.63
N CYS A 28 4.97 3.54 -1.93
CA CYS A 28 3.72 3.13 -2.55
C CYS A 28 3.21 1.83 -1.93
N ALA A 29 4.10 0.83 -1.91
CA ALA A 29 3.81 -0.46 -1.29
C ALA A 29 3.64 -0.33 0.22
N LYS A 30 4.30 0.69 0.80
CA LYS A 30 4.21 0.97 2.22
C LYS A 30 2.79 1.41 2.60
N GLY A 31 2.19 2.25 1.74
CA GLY A 31 0.84 2.76 1.99
C GLY A 31 -0.22 1.65 2.01
N CYS A 32 -0.25 0.83 0.94
CA CYS A 32 -1.22 -0.25 0.87
C CYS A 32 -0.90 -1.40 1.81
N GLU A 33 0.39 -1.59 2.11
CA GLU A 33 0.82 -2.60 3.08
C GLU A 33 0.44 -2.15 4.49
N LYS A 34 0.65 -0.87 4.77
CA LYS A 34 0.42 -0.32 6.10
C LYS A 34 -1.07 -0.07 6.41
N TYR A 35 -1.77 0.59 5.47
CA TYR A 35 -3.18 0.97 5.66
C TYR A 35 -4.17 -0.16 5.42
N TYR A 36 -3.83 -1.10 4.53
CA TYR A 36 -4.75 -2.23 4.21
C TYR A 36 -4.26 -3.57 4.75
N LYS A 37 -2.94 -3.69 4.97
CA LYS A 37 -2.38 -4.95 5.49
C LYS A 37 -1.97 -4.85 6.98
N GLU A 38 -1.35 -3.71 7.40
CA GLU A 38 -0.87 -3.57 8.78
C GLU A 38 -1.95 -3.06 9.74
N LYS A 39 -2.73 -2.07 9.28
CA LYS A 39 -3.77 -1.46 10.12
C LYS A 39 -5.09 -1.33 9.35
N LYS A 40 -6.18 -1.18 10.10
CA LYS A 40 -7.51 -1.02 9.49
C LYS A 40 -7.72 0.42 9.02
N GLY A 41 -8.55 0.57 7.98
CA GLY A 41 -8.86 1.89 7.41
C GLY A 41 -10.07 2.54 8.10
N ARG A 42 -10.25 2.24 9.39
CA ARG A 42 -11.37 2.78 10.16
C ARG A 42 -11.33 4.31 10.18
N GLU A 43 -10.13 4.86 10.40
CA GLU A 43 -9.93 6.32 10.45
C GLU A 43 -9.51 6.85 9.08
N GLN A 44 -10.04 8.02 8.71
CA GLN A 44 -9.73 8.65 7.42
C GLN A 44 -8.25 9.01 7.35
N GLU A 45 -7.71 9.53 8.46
CA GLU A 45 -6.31 9.94 8.51
C GLU A 45 -5.69 9.59 9.88
N GLU A 46 -4.46 9.06 9.85
CA GLU A 46 -3.75 8.70 11.07
C GLU A 46 -3.45 9.94 11.92
N LEU A 47 -3.25 9.72 13.23
CA LEU A 47 -2.97 10.81 14.17
C LEU A 47 -1.47 10.99 14.34
N GLU A 48 -0.97 12.20 14.03
CA GLU A 48 0.45 12.51 14.15
C GLU A 48 0.69 14.00 13.98
N GLY A 1 -4.09 -17.97 5.17
CA GLY A 1 -5.48 -17.49 4.91
C GLY A 1 -5.44 -16.26 4.02
N LYS A 2 -6.52 -15.46 4.09
CA LYS A 2 -6.64 -14.23 3.29
C LYS A 2 -6.60 -14.53 1.78
N THR A 3 -7.30 -13.70 1.00
CA THR A 3 -7.35 -13.86 -0.45
C THR A 3 -7.51 -12.53 -1.16
N ASP A 4 -7.07 -12.46 -2.43
CA ASP A 4 -7.14 -11.23 -3.21
C ASP A 4 -6.56 -10.03 -2.43
N PRO A 5 -5.27 -10.10 -1.99
CA PRO A 5 -4.63 -8.97 -1.23
C PRO A 5 -4.64 -7.66 -2.01
N GLU A 6 -5.00 -6.56 -1.33
CA GLU A 6 -5.07 -5.24 -1.95
C GLU A 6 -3.67 -4.65 -2.20
N LEU A 7 -2.77 -4.83 -1.24
CA LEU A 7 -1.42 -4.24 -1.32
C LEU A 7 -0.69 -4.65 -2.59
N LYS A 8 -1.06 -5.80 -3.17
CA LYS A 8 -0.46 -6.19 -4.43
C LYS A 8 -0.75 -5.08 -5.46
N GLN A 9 -1.99 -4.55 -5.42
CA GLN A 9 -2.43 -3.49 -6.30
C GLN A 9 -1.63 -2.20 -6.08
N CYS A 10 -1.33 -1.87 -4.80
CA CYS A 10 -0.53 -0.67 -4.49
C CYS A 10 0.86 -0.76 -5.16
N LYS A 11 1.63 -1.75 -4.71
CA LYS A 11 2.98 -1.98 -5.24
C LYS A 11 2.94 -2.25 -6.76
N HIS A 12 1.84 -2.86 -7.24
CA HIS A 12 1.67 -3.14 -8.68
C HIS A 12 1.70 -1.83 -9.48
N GLN A 13 0.92 -0.84 -9.03
CA GLN A 13 0.81 0.43 -9.78
C GLN A 13 2.17 1.05 -9.95
N CYS A 14 2.97 1.07 -8.87
CA CYS A 14 4.34 1.59 -8.97
C CYS A 14 5.16 0.73 -9.94
N LYS A 15 4.99 -0.59 -9.80
CA LYS A 15 5.74 -1.57 -10.59
C LYS A 15 5.50 -1.42 -12.10
N VAL A 16 4.24 -1.21 -12.50
CA VAL A 16 3.87 -1.11 -13.92
C VAL A 16 4.27 0.23 -14.53
N GLN A 17 4.24 1.28 -13.72
CA GLN A 17 4.54 2.63 -14.20
C GLN A 17 6.00 3.00 -13.93
N ARG A 18 6.72 3.34 -15.01
CA ARG A 18 8.14 3.72 -14.90
C ARG A 18 8.33 5.03 -14.14
N GLN A 19 7.29 5.89 -14.17
CA GLN A 19 7.33 7.18 -13.47
C GLN A 19 7.56 6.97 -11.98
N TYR A 20 6.94 5.92 -11.42
CA TYR A 20 7.14 5.60 -10.01
C TYR A 20 8.45 4.82 -9.84
N ASP A 21 9.47 5.50 -9.29
CA ASP A 21 10.79 4.91 -9.08
C ASP A 21 10.78 3.99 -7.86
N GLU A 22 11.96 3.46 -7.49
CA GLU A 22 12.06 2.53 -6.36
C GLU A 22 11.55 3.19 -5.07
N GLU A 23 11.85 4.47 -4.91
CA GLU A 23 11.36 5.22 -3.75
C GLU A 23 9.83 5.28 -3.78
N GLN A 24 9.28 5.49 -4.98
CA GLN A 24 7.83 5.54 -5.20
C GLN A 24 7.20 4.19 -4.92
N LYS A 25 7.92 3.12 -5.28
CA LYS A 25 7.46 1.77 -5.01
C LYS A 25 7.27 1.58 -3.52
N GLU A 26 8.19 2.19 -2.73
CA GLU A 26 8.10 2.10 -1.28
C GLU A 26 6.84 2.77 -0.75
N GLN A 27 6.53 3.99 -1.26
CA GLN A 27 5.36 4.75 -0.77
C GLN A 27 4.03 4.05 -1.04
N CYS A 28 3.85 3.49 -2.25
CA CYS A 28 2.58 2.81 -2.60
C CYS A 28 2.43 1.50 -1.83
N ALA A 29 3.47 0.68 -1.88
CA ALA A 29 3.47 -0.61 -1.16
C ALA A 29 3.34 -0.40 0.35
N LYS A 30 3.93 0.70 0.85
CA LYS A 30 3.84 1.05 2.27
C LYS A 30 2.43 1.47 2.65
N GLY A 31 1.76 2.23 1.77
CA GLY A 31 0.40 2.72 2.07
C GLY A 31 -0.58 1.56 2.27
N CYS A 32 -0.62 0.66 1.29
CA CYS A 32 -1.51 -0.51 1.37
C CYS A 32 -1.10 -1.49 2.46
N GLU A 33 0.19 -1.74 2.57
CA GLU A 33 0.71 -2.66 3.57
C GLU A 33 0.51 -2.12 4.98
N LYS A 34 0.70 -0.82 5.14
CA LYS A 34 0.55 -0.19 6.45
C LYS A 34 -0.92 0.06 6.81
N TYR A 35 -1.67 0.64 5.87
CA TYR A 35 -3.07 0.98 6.09
C TYR A 35 -3.99 -0.25 6.13
N TYR A 36 -3.79 -1.18 5.19
CA TYR A 36 -4.68 -2.34 5.07
C TYR A 36 -4.08 -3.63 5.60
N LYS A 37 -2.74 -3.70 5.73
CA LYS A 37 -2.10 -4.95 6.20
C LYS A 37 -1.61 -4.84 7.64
N GLU A 38 -1.07 -3.66 8.06
CA GLU A 38 -0.57 -3.53 9.45
C GLU A 38 -1.71 -3.73 10.45
N LYS A 39 -2.89 -3.19 10.12
CA LYS A 39 -4.07 -3.30 10.98
C LYS A 39 -5.33 -3.42 10.13
N LYS A 40 -6.25 -4.30 10.56
CA LYS A 40 -7.51 -4.51 9.83
C LYS A 40 -8.68 -4.73 10.78
N GLY A 41 -9.90 -4.44 10.30
CA GLY A 41 -11.11 -4.59 11.11
C GLY A 41 -11.46 -3.30 11.88
N ARG A 42 -10.52 -2.35 11.92
CA ARG A 42 -10.72 -1.08 12.62
C ARG A 42 -10.17 0.09 11.80
N GLU A 43 -10.79 1.26 11.97
CA GLU A 43 -10.37 2.46 11.25
C GLU A 43 -10.29 3.65 12.21
N GLN A 44 -9.16 4.37 12.15
CA GLN A 44 -8.94 5.54 13.02
C GLN A 44 -8.03 6.57 12.38
N GLU A 45 -8.12 7.81 12.85
CA GLU A 45 -7.30 8.91 12.32
C GLU A 45 -5.86 8.79 12.82
N GLU A 46 -4.90 9.13 11.95
CA GLU A 46 -3.48 9.07 12.29
C GLU A 46 -2.77 10.34 11.84
N LEU A 47 -1.71 10.72 12.57
CA LEU A 47 -0.93 11.91 12.25
C LEU A 47 -0.16 11.72 10.94
N GLU A 48 -0.13 12.78 10.12
CA GLU A 48 0.58 12.74 8.85
C GLU A 48 0.81 14.15 8.32
N GLY A 1 -12.41 -17.31 1.89
CA GLY A 1 -11.16 -18.09 1.70
C GLY A 1 -10.07 -17.21 1.10
N LYS A 2 -10.34 -16.72 -0.12
CA LYS A 2 -9.39 -15.84 -0.82
C LYS A 2 -9.70 -14.38 -0.52
N THR A 3 -8.72 -13.69 0.07
CA THR A 3 -8.86 -12.27 0.41
C THR A 3 -8.58 -11.40 -0.80
N ASP A 4 -8.97 -10.12 -0.71
CA ASP A 4 -8.74 -9.16 -1.80
C ASP A 4 -8.14 -7.83 -1.24
N PRO A 5 -6.86 -7.85 -0.79
CA PRO A 5 -6.19 -6.63 -0.24
C PRO A 5 -5.86 -5.62 -1.35
N GLU A 6 -5.90 -4.33 -1.01
CA GLU A 6 -5.57 -3.28 -1.97
C GLU A 6 -4.05 -3.17 -2.18
N LEU A 7 -3.25 -3.79 -1.28
CA LEU A 7 -1.79 -3.73 -1.38
C LEU A 7 -1.32 -4.15 -2.77
N LYS A 8 -2.07 -5.04 -3.40
CA LYS A 8 -1.75 -5.46 -4.76
C LYS A 8 -1.75 -4.22 -5.66
N GLN A 9 -2.77 -3.38 -5.52
CA GLN A 9 -2.92 -2.17 -6.33
C GLN A 9 -1.73 -1.20 -6.13
N CYS A 10 -1.33 -0.94 -4.86
CA CYS A 10 -0.22 0.00 -4.63
C CYS A 10 1.08 -0.53 -5.23
N LYS A 11 1.46 -1.73 -4.81
CA LYS A 11 2.73 -2.35 -5.24
C LYS A 11 2.77 -2.68 -6.76
N HIS A 12 1.65 -3.22 -7.30
CA HIS A 12 1.61 -3.58 -8.72
C HIS A 12 1.80 -2.37 -9.61
N GLN A 13 1.02 -1.32 -9.34
CA GLN A 13 1.06 -0.10 -10.14
C GLN A 13 2.44 0.53 -10.09
N CYS A 14 3.08 0.49 -8.92
CA CYS A 14 4.39 1.10 -8.73
C CYS A 14 5.51 0.29 -9.38
N LYS A 15 5.24 -0.98 -9.76
CA LYS A 15 6.25 -1.81 -10.43
C LYS A 15 5.99 -1.94 -11.94
N VAL A 16 4.70 -1.92 -12.33
CA VAL A 16 4.32 -2.12 -13.75
C VAL A 16 4.35 -0.83 -14.56
N GLN A 17 4.04 0.31 -13.91
CA GLN A 17 3.98 1.60 -14.62
C GLN A 17 5.36 2.24 -14.71
N ARG A 18 5.66 2.78 -15.89
CA ARG A 18 6.94 3.42 -16.19
C ARG A 18 7.22 4.63 -15.28
N GLN A 19 6.19 5.45 -15.03
CA GLN A 19 6.36 6.70 -14.27
C GLN A 19 6.93 6.47 -12.86
N TYR A 20 6.77 5.24 -12.32
CA TYR A 20 7.25 4.94 -10.97
C TYR A 20 8.63 4.26 -11.02
N ASP A 21 9.58 4.83 -10.26
CA ASP A 21 10.96 4.31 -10.20
C ASP A 21 11.14 3.40 -8.99
N GLU A 22 12.34 2.80 -8.84
CA GLU A 22 12.60 1.84 -7.76
C GLU A 22 12.30 2.48 -6.39
N GLU A 23 12.83 3.69 -6.15
CA GLU A 23 12.58 4.37 -4.86
C GLU A 23 11.08 4.60 -4.66
N GLN A 24 10.41 4.98 -5.75
CA GLN A 24 8.97 5.21 -5.75
C GLN A 24 8.23 3.94 -5.42
N LYS A 25 8.74 2.82 -5.94
CA LYS A 25 8.16 1.51 -5.69
C LYS A 25 8.13 1.24 -4.20
N GLU A 26 9.21 1.64 -3.50
CA GLU A 26 9.28 1.42 -2.06
C GLU A 26 8.16 2.18 -1.35
N GLN A 27 7.98 3.44 -1.74
CA GLN A 27 6.97 4.30 -1.12
C GLN A 27 5.56 3.73 -1.33
N CYS A 28 5.27 3.22 -2.54
CA CYS A 28 3.95 2.66 -2.83
C CYS A 28 3.68 1.46 -1.92
N ALA A 29 4.65 0.56 -1.84
CA ALA A 29 4.55 -0.63 -1.01
C ALA A 29 4.43 -0.29 0.47
N LYS A 30 5.15 0.75 0.90
CA LYS A 30 5.15 1.17 2.28
C LYS A 30 3.74 1.61 2.72
N GLY A 31 3.07 2.41 1.88
CA GLY A 31 1.74 2.93 2.19
C GLY A 31 0.69 1.80 2.31
N CYS A 32 0.71 0.86 1.35
CA CYS A 32 -0.26 -0.22 1.32
C CYS A 32 0.07 -1.36 2.28
N GLU A 33 1.31 -1.83 2.23
CA GLU A 33 1.74 -2.95 3.05
C GLU A 33 1.64 -2.59 4.53
N LYS A 34 2.10 -1.40 4.87
CA LYS A 34 2.13 -0.97 6.26
C LYS A 34 0.73 -0.62 6.80
N TYR A 35 -0.02 0.23 6.08
CA TYR A 35 -1.34 0.68 6.56
C TYR A 35 -2.49 -0.28 6.27
N TYR A 36 -2.40 -1.07 5.18
CA TYR A 36 -3.50 -1.98 4.81
C TYR A 36 -3.16 -3.44 5.03
N LYS A 37 -1.85 -3.80 4.97
CA LYS A 37 -1.45 -5.18 5.22
C LYS A 37 -1.05 -5.41 6.68
N GLU A 38 -0.30 -4.45 7.29
CA GLU A 38 0.12 -4.64 8.70
C GLU A 38 -1.11 -4.74 9.62
N LYS A 39 -2.19 -4.03 9.25
CA LYS A 39 -3.45 -4.04 10.00
C LYS A 39 -3.30 -3.43 11.41
N LYS A 40 -2.60 -2.29 11.49
CA LYS A 40 -2.45 -1.55 12.74
C LYS A 40 -2.18 -0.07 12.47
N GLY A 41 -2.46 0.77 13.47
CA GLY A 41 -2.24 2.22 13.34
C GLY A 41 -2.67 2.98 14.61
N ARG A 42 -2.55 2.31 15.77
CA ARG A 42 -2.91 2.92 17.05
C ARG A 42 -4.35 3.46 17.01
N GLU A 43 -5.29 2.64 17.49
CA GLU A 43 -6.71 3.02 17.49
C GLU A 43 -6.92 4.27 18.35
N GLN A 44 -6.27 4.31 19.52
CA GLN A 44 -6.38 5.45 20.44
C GLN A 44 -7.84 5.77 20.73
N GLU A 45 -8.07 6.82 21.54
CA GLU A 45 -9.44 7.24 21.89
C GLU A 45 -9.54 8.77 21.88
N GLU A 46 -10.66 9.27 21.33
CA GLU A 46 -10.88 10.72 21.26
C GLU A 46 -12.39 11.05 21.28
N LEU A 47 -12.71 12.23 21.82
CA LEU A 47 -14.10 12.68 21.89
C LEU A 47 -14.39 13.69 20.77
N GLU A 48 -15.40 13.40 19.96
CA GLU A 48 -15.80 14.27 18.85
C GLU A 48 -17.23 13.99 18.41
N GLY A 1 -9.00 -5.19 8.86
CA GLY A 1 -9.31 -5.82 7.55
C GLY A 1 -8.02 -6.23 6.86
N LYS A 2 -7.66 -7.51 6.99
CA LYS A 2 -6.43 -8.05 6.38
C LYS A 2 -6.75 -9.17 5.37
N THR A 3 -7.94 -9.08 4.75
CA THR A 3 -8.37 -10.06 3.74
C THR A 3 -8.53 -9.36 2.39
N ASP A 4 -7.94 -9.95 1.33
CA ASP A 4 -7.96 -9.35 -0.03
C ASP A 4 -7.69 -7.82 0.05
N PRO A 5 -6.52 -7.40 0.60
CA PRO A 5 -6.17 -5.95 0.77
C PRO A 5 -5.82 -5.28 -0.56
N GLU A 6 -6.02 -3.97 -0.60
CA GLU A 6 -5.65 -3.17 -1.77
C GLU A 6 -4.10 -3.09 -1.92
N LEU A 7 -3.38 -3.49 -0.86
CA LEU A 7 -1.92 -3.45 -0.86
C LEU A 7 -1.31 -4.07 -2.10
N LYS A 8 -1.95 -5.11 -2.64
CA LYS A 8 -1.46 -5.72 -3.87
C LYS A 8 -1.46 -4.68 -4.99
N GLN A 9 -2.56 -3.91 -5.07
CA GLN A 9 -2.74 -2.90 -6.13
C GLN A 9 -1.67 -1.79 -6.09
N CYS A 10 -1.35 -1.25 -4.89
CA CYS A 10 -0.36 -0.15 -4.81
C CYS A 10 0.97 -0.62 -5.33
N LYS A 11 1.42 -1.77 -4.82
CA LYS A 11 2.70 -2.35 -5.24
C LYS A 11 2.71 -2.69 -6.74
N HIS A 12 1.56 -3.16 -7.27
CA HIS A 12 1.46 -3.52 -8.68
C HIS A 12 1.69 -2.30 -9.58
N GLN A 13 1.04 -1.19 -9.23
CA GLN A 13 1.12 0.03 -10.05
C GLN A 13 2.56 0.54 -10.14
N CYS A 14 3.27 0.47 -9.02
CA CYS A 14 4.67 0.92 -8.96
C CYS A 14 5.65 -0.13 -9.53
N LYS A 15 5.17 -1.37 -9.70
CA LYS A 15 6.00 -2.46 -10.23
C LYS A 15 5.84 -2.59 -11.75
N VAL A 16 4.61 -2.40 -12.24
CA VAL A 16 4.29 -2.57 -13.66
C VAL A 16 4.58 -1.32 -14.50
N GLN A 17 4.44 -0.14 -13.87
CA GLN A 17 4.59 1.13 -14.60
C GLN A 17 5.98 1.75 -14.44
N ARG A 18 6.57 2.13 -15.58
CA ARG A 18 7.88 2.81 -15.59
C ARG A 18 7.77 4.25 -15.03
N GLN A 19 6.53 4.77 -14.93
CA GLN A 19 6.28 6.12 -14.46
C GLN A 19 6.77 6.33 -13.00
N TYR A 20 6.99 5.21 -12.28
CA TYR A 20 7.47 5.29 -10.89
C TYR A 20 8.91 4.76 -10.81
N ASP A 21 9.80 5.54 -10.17
CA ASP A 21 11.21 5.13 -9.99
C ASP A 21 11.30 4.14 -8.83
N GLU A 22 12.40 3.35 -8.77
CA GLU A 22 12.54 2.35 -7.71
C GLU A 22 12.25 2.95 -6.33
N GLU A 23 12.77 4.15 -6.06
CA GLU A 23 12.51 4.82 -4.79
C GLU A 23 11.02 5.10 -4.60
N GLN A 24 10.34 5.40 -5.72
CA GLN A 24 8.89 5.62 -5.71
C GLN A 24 8.17 4.30 -5.50
N LYS A 25 8.82 3.20 -5.89
CA LYS A 25 8.27 1.87 -5.68
C LYS A 25 8.13 1.62 -4.20
N GLU A 26 9.12 2.09 -3.43
CA GLU A 26 9.08 1.97 -1.99
C GLU A 26 7.91 2.76 -1.44
N GLN A 27 7.73 3.98 -1.96
CA GLN A 27 6.65 4.87 -1.52
C GLN A 27 5.27 4.28 -1.81
N CYS A 28 5.11 3.66 -2.99
CA CYS A 28 3.82 3.04 -3.35
C CYS A 28 3.47 1.94 -2.37
N ALA A 29 4.47 1.10 -2.10
CA ALA A 29 4.34 0.01 -1.14
C ALA A 29 4.11 0.55 0.26
N LYS A 30 4.77 1.67 0.58
CA LYS A 30 4.64 2.30 1.89
C LYS A 30 3.23 2.84 2.11
N GLY A 31 2.63 3.45 1.08
CA GLY A 31 1.27 4.02 1.19
C GLY A 31 0.25 2.95 1.54
N CYS A 32 0.30 1.84 0.80
CA CYS A 32 -0.63 0.74 1.00
C CYS A 32 -0.28 -0.09 2.23
N GLU A 33 0.99 -0.45 2.35
CA GLU A 33 1.41 -1.28 3.45
C GLU A 33 1.27 -0.56 4.78
N LYS A 34 1.76 0.67 4.85
CA LYS A 34 1.72 1.44 6.10
C LYS A 34 0.31 1.87 6.48
N TYR A 35 -0.44 2.46 5.51
CA TYR A 35 -1.78 2.97 5.78
C TYR A 35 -2.79 1.86 6.04
N TYR A 36 -2.77 0.81 5.21
CA TYR A 36 -3.74 -0.27 5.33
C TYR A 36 -3.20 -1.45 6.10
N LYS A 37 -2.05 -1.99 5.64
CA LYS A 37 -1.50 -3.16 6.28
C LYS A 37 -1.11 -2.85 7.75
N GLU A 38 -0.41 -1.71 8.00
CA GLU A 38 0.01 -1.37 9.37
C GLU A 38 -1.04 -0.53 10.11
N LYS A 39 -1.95 0.09 9.35
CA LYS A 39 -3.01 0.94 9.92
C LYS A 39 -2.39 2.13 10.68
N LYS A 40 -3.24 2.91 11.38
CA LYS A 40 -2.80 4.09 12.13
C LYS A 40 -1.78 3.68 13.20
N GLY A 41 -0.86 4.61 13.51
CA GLY A 41 0.18 4.36 14.50
C GLY A 41 -0.42 4.00 15.85
N ARG A 42 0.44 3.76 16.85
CA ARG A 42 0.01 3.32 18.20
C ARG A 42 -0.56 1.92 18.11
N GLU A 43 0.31 0.92 18.35
CA GLU A 43 -0.08 -0.48 18.25
C GLU A 43 -1.22 -0.81 19.19
N GLN A 44 -2.24 -1.48 18.65
CA GLN A 44 -3.41 -1.89 19.42
C GLN A 44 -4.15 -2.99 18.68
N GLU A 45 -4.74 -3.93 19.43
CA GLU A 45 -5.50 -5.04 18.83
C GLU A 45 -7.01 -4.84 19.03
N GLU A 46 -7.79 -5.28 18.04
CA GLU A 46 -9.25 -5.17 18.09
C GLU A 46 -9.92 -6.22 17.21
N LEU A 47 -11.14 -6.60 17.57
CA LEU A 47 -11.90 -7.59 16.82
C LEU A 47 -12.93 -6.91 15.92
N GLU A 48 -12.81 -7.16 14.60
CA GLU A 48 -13.73 -6.57 13.62
C GLU A 48 -15.07 -7.31 13.63
N GLY A 1 -8.77 -15.29 -4.78
CA GLY A 1 -8.01 -15.93 -3.68
C GLY A 1 -8.08 -15.04 -2.44
N LYS A 2 -9.23 -15.09 -1.75
CA LYS A 2 -9.48 -14.29 -0.52
C LYS A 2 -8.81 -12.90 -0.57
N THR A 3 -9.12 -12.15 -1.64
CA THR A 3 -8.58 -10.81 -1.83
C THR A 3 -9.01 -9.90 -0.68
N ASP A 4 -8.04 -9.20 -0.08
CA ASP A 4 -8.31 -8.31 1.05
C ASP A 4 -7.46 -7.02 0.99
N PRO A 5 -6.10 -7.09 1.12
CA PRO A 5 -5.25 -5.86 1.15
C PRO A 5 -5.11 -5.20 -0.21
N GLU A 6 -5.09 -3.86 -0.21
CA GLU A 6 -4.87 -3.09 -1.44
C GLU A 6 -3.37 -2.98 -1.78
N LEU A 7 -2.49 -3.35 -0.80
CA LEU A 7 -1.05 -3.33 -1.02
C LEU A 7 -0.70 -4.04 -2.32
N LYS A 8 -1.42 -5.11 -2.64
CA LYS A 8 -1.19 -5.83 -3.88
C LYS A 8 -1.35 -4.85 -5.05
N GLN A 9 -2.51 -4.17 -5.08
CA GLN A 9 -2.84 -3.23 -6.15
C GLN A 9 -1.85 -2.06 -6.22
N CYS A 10 -1.56 -1.40 -5.07
CA CYS A 10 -0.66 -0.26 -5.06
C CYS A 10 0.74 -0.68 -5.50
N LYS A 11 1.25 -1.70 -4.82
CA LYS A 11 2.60 -2.23 -5.10
C LYS A 11 2.73 -2.73 -6.56
N HIS A 12 1.68 -3.37 -7.06
CA HIS A 12 1.67 -3.90 -8.43
C HIS A 12 1.85 -2.76 -9.44
N GLN A 13 1.06 -1.70 -9.27
CA GLN A 13 1.06 -0.58 -10.23
C GLN A 13 2.45 0.01 -10.35
N CYS A 14 3.12 0.19 -9.21
CA CYS A 14 4.48 0.74 -9.22
C CYS A 14 5.55 -0.33 -9.57
N LYS A 15 5.13 -1.62 -9.59
CA LYS A 15 6.01 -2.73 -9.99
C LYS A 15 5.85 -3.09 -11.48
N VAL A 16 4.85 -2.48 -12.17
CA VAL A 16 4.59 -2.81 -13.58
C VAL A 16 4.74 -1.60 -14.52
N GLN A 17 4.69 -0.38 -13.97
CA GLN A 17 4.77 0.83 -14.81
C GLN A 17 6.13 1.51 -14.70
N ARG A 18 6.71 1.85 -15.86
CA ARG A 18 8.00 2.55 -15.92
C ARG A 18 7.87 4.00 -15.44
N GLN A 19 6.63 4.54 -15.44
CA GLN A 19 6.38 5.91 -15.01
C GLN A 19 6.80 6.12 -13.57
N TYR A 20 6.55 5.10 -12.72
CA TYR A 20 6.96 5.16 -11.32
C TYR A 20 8.46 4.84 -11.22
N ASP A 21 9.16 5.56 -10.33
CA ASP A 21 10.61 5.38 -10.15
C ASP A 21 10.91 4.20 -9.21
N GLU A 22 12.20 4.01 -8.86
CA GLU A 22 12.60 2.96 -7.93
C GLU A 22 12.28 3.38 -6.50
N GLU A 23 12.76 4.57 -6.13
CA GLU A 23 12.51 5.15 -4.81
C GLU A 23 11.02 5.43 -4.63
N GLN A 24 10.37 5.86 -5.71
CA GLN A 24 8.94 6.13 -5.71
C GLN A 24 8.16 4.85 -5.53
N LYS A 25 8.67 3.76 -6.13
CA LYS A 25 8.06 2.45 -5.99
C LYS A 25 8.02 2.06 -4.51
N GLU A 26 9.11 2.40 -3.79
CA GLU A 26 9.17 2.10 -2.35
C GLU A 26 8.02 2.82 -1.65
N GLN A 27 7.79 4.07 -2.06
CA GLN A 27 6.72 4.87 -1.50
C GLN A 27 5.36 4.22 -1.78
N CYS A 28 5.19 3.62 -2.98
CA CYS A 28 3.92 2.98 -3.34
C CYS A 28 3.63 1.82 -2.39
N ALA A 29 4.63 0.95 -2.23
CA ALA A 29 4.52 -0.23 -1.37
C ALA A 29 4.37 0.14 0.10
N LYS A 30 5.09 1.18 0.49
CA LYS A 30 5.04 1.70 1.86
C LYS A 30 3.65 2.24 2.21
N GLY A 31 3.03 2.94 1.26
CA GLY A 31 1.71 3.55 1.48
C GLY A 31 0.63 2.50 1.74
N CYS A 32 0.39 1.63 0.75
CA CYS A 32 -0.67 0.63 0.85
C CYS A 32 -0.36 -0.50 1.82
N GLU A 33 0.93 -0.79 2.04
CA GLU A 33 1.32 -1.83 3.00
C GLU A 33 0.99 -1.39 4.42
N LYS A 34 1.23 -0.10 4.71
CA LYS A 34 0.99 0.43 6.04
C LYS A 34 -0.45 0.94 6.20
N TYR A 35 -0.99 1.52 5.13
CA TYR A 35 -2.36 2.05 5.14
C TYR A 35 -3.42 0.95 5.10
N TYR A 36 -3.22 -0.06 4.22
CA TYR A 36 -4.22 -1.12 4.01
C TYR A 36 -3.83 -2.45 4.65
N LYS A 37 -2.53 -2.67 4.87
CA LYS A 37 -2.09 -3.93 5.47
C LYS A 37 -1.76 -3.75 6.95
N GLU A 38 -1.16 -2.59 7.32
CA GLU A 38 -0.83 -2.33 8.73
C GLU A 38 -1.95 -1.51 9.43
N LYS A 39 -2.74 -0.79 8.62
CA LYS A 39 -3.86 0.01 9.13
C LYS A 39 -3.38 1.17 10.05
N LYS A 40 -3.15 0.87 11.35
CA LYS A 40 -2.70 1.90 12.31
C LYS A 40 -3.57 3.17 12.21
N GLY A 41 -4.87 2.98 11.99
CA GLY A 41 -5.81 4.10 11.89
C GLY A 41 -6.04 4.73 13.26
N ARG A 42 -6.35 6.05 13.27
CA ARG A 42 -6.61 6.77 14.51
C ARG A 42 -8.09 7.09 14.65
N GLU A 43 -8.69 6.61 15.73
CA GLU A 43 -10.11 6.84 16.01
C GLU A 43 -10.41 6.72 17.50
N GLN A 44 -11.53 7.31 17.93
CA GLN A 44 -11.95 7.26 19.32
C GLN A 44 -12.95 6.11 19.52
N GLU A 45 -12.58 5.16 20.40
CA GLU A 45 -13.43 4.00 20.70
C GLU A 45 -13.38 3.68 22.19
N GLU A 46 -14.41 2.96 22.68
CA GLU A 46 -14.41 2.55 24.09
C GLU A 46 -13.24 1.63 24.34
N LEU A 47 -13.12 0.62 23.47
CA LEU A 47 -12.05 -0.37 23.56
C LEU A 47 -10.72 0.21 23.06
N GLU A 48 -9.62 -0.30 23.60
CA GLU A 48 -8.27 0.16 23.22
C GLU A 48 -8.12 0.26 21.70
N GLY A 1 -7.36 -6.67 6.73
CA GLY A 1 -8.46 -6.86 5.74
C GLY A 1 -8.60 -8.35 5.42
N LYS A 2 -7.47 -8.98 5.08
CA LYS A 2 -7.43 -10.40 4.73
C LYS A 2 -8.27 -10.67 3.47
N THR A 3 -7.70 -11.44 2.53
CA THR A 3 -8.37 -11.77 1.25
C THR A 3 -8.67 -10.50 0.44
N ASP A 4 -8.64 -10.61 -0.89
CA ASP A 4 -8.86 -9.45 -1.78
C ASP A 4 -8.00 -8.24 -1.30
N PRO A 5 -6.65 -8.36 -1.31
CA PRO A 5 -5.75 -7.30 -0.77
C PRO A 5 -5.88 -5.97 -1.51
N GLU A 6 -5.76 -4.88 -0.74
CA GLU A 6 -5.67 -3.54 -1.32
C GLU A 6 -4.20 -3.27 -1.73
N LEU A 7 -3.28 -3.85 -0.93
CA LEU A 7 -1.86 -3.68 -1.12
C LEU A 7 -1.37 -4.16 -2.48
N LYS A 8 -1.91 -5.28 -2.99
CA LYS A 8 -1.49 -5.75 -4.33
C LYS A 8 -1.63 -4.59 -5.34
N GLN A 9 -2.76 -3.85 -5.21
CA GLN A 9 -3.05 -2.71 -6.08
C GLN A 9 -2.06 -1.53 -5.88
N CYS A 10 -1.72 -1.20 -4.60
CA CYS A 10 -0.82 -0.07 -4.33
C CYS A 10 0.53 -0.33 -4.96
N LYS A 11 1.06 -1.50 -4.70
CA LYS A 11 2.32 -1.95 -5.27
C LYS A 11 2.22 -2.08 -6.81
N HIS A 12 1.05 -2.50 -7.29
CA HIS A 12 0.82 -2.68 -8.74
C HIS A 12 0.97 -1.34 -9.49
N GLN A 13 0.26 -0.31 -9.01
CA GLN A 13 0.28 1.01 -9.67
C GLN A 13 1.66 1.64 -9.67
N CYS A 14 2.45 1.36 -8.62
CA CYS A 14 3.81 1.89 -8.55
C CYS A 14 4.82 1.01 -9.29
N LYS A 15 4.40 -0.21 -9.67
CA LYS A 15 5.24 -1.12 -10.45
C LYS A 15 5.00 -0.92 -11.96
N VAL A 16 3.74 -0.65 -12.33
CA VAL A 16 3.36 -0.48 -13.74
C VAL A 16 3.75 0.88 -14.31
N GLN A 17 3.72 1.93 -13.46
CA GLN A 17 4.01 3.29 -13.92
C GLN A 17 5.50 3.61 -13.87
N ARG A 18 6.01 4.19 -14.97
CA ARG A 18 7.41 4.61 -15.08
C ARG A 18 7.74 5.80 -14.14
N GLN A 19 6.70 6.55 -13.77
CA GLN A 19 6.85 7.72 -12.90
C GLN A 19 7.36 7.34 -11.50
N TYR A 20 7.14 6.07 -11.11
CA TYR A 20 7.57 5.58 -9.80
C TYR A 20 8.78 4.64 -9.97
N ASP A 21 9.95 5.08 -9.47
CA ASP A 21 11.18 4.28 -9.57
C ASP A 21 11.27 3.25 -8.44
N GLU A 22 12.38 2.50 -8.38
CA GLU A 22 12.55 1.46 -7.35
C GLU A 22 12.29 2.00 -5.95
N GLU A 23 12.79 3.21 -5.67
CA GLU A 23 12.58 3.85 -4.37
C GLU A 23 11.10 4.11 -4.14
N GLN A 24 10.41 4.54 -5.20
CA GLN A 24 8.97 4.82 -5.14
C GLN A 24 8.17 3.55 -4.93
N LYS A 25 8.61 2.46 -5.59
CA LYS A 25 7.96 1.17 -5.44
C LYS A 25 8.05 0.72 -4.00
N GLU A 26 9.21 0.99 -3.37
CA GLU A 26 9.42 0.60 -1.97
C GLU A 26 8.42 1.32 -1.10
N GLN A 27 8.28 2.63 -1.34
CA GLN A 27 7.38 3.47 -0.55
C GLN A 27 5.91 3.07 -0.75
N CYS A 28 5.52 2.75 -1.99
CA CYS A 28 4.15 2.34 -2.30
C CYS A 28 3.81 1.03 -1.60
N ALA A 29 4.70 0.05 -1.75
CA ALA A 29 4.54 -1.26 -1.14
C ALA A 29 4.57 -1.17 0.38
N LYS A 30 5.42 -0.28 0.89
CA LYS A 30 5.54 -0.03 2.31
C LYS A 30 4.23 0.54 2.88
N GLY A 31 3.59 1.41 2.09
CA GLY A 31 2.35 2.07 2.52
C GLY A 31 1.20 1.07 2.73
N CYS A 32 0.74 0.45 1.63
CA CYS A 32 -0.40 -0.47 1.69
C CYS A 32 -0.12 -1.77 2.43
N GLU A 33 1.09 -2.31 2.26
CA GLU A 33 1.47 -3.54 2.96
C GLU A 33 1.48 -3.29 4.46
N LYS A 34 1.98 -2.12 4.87
CA LYS A 34 2.06 -1.80 6.28
C LYS A 34 0.71 -1.31 6.84
N TYR A 35 -0.01 -0.50 6.05
CA TYR A 35 -1.31 0.06 6.44
C TYR A 35 -2.45 -0.97 6.45
N TYR A 36 -2.53 -1.78 5.39
CA TYR A 36 -3.64 -2.74 5.23
C TYR A 36 -3.25 -4.17 5.59
N LYS A 37 -1.93 -4.47 5.55
CA LYS A 37 -1.46 -5.82 5.81
C LYS A 37 -0.80 -5.96 7.19
N GLU A 38 0.13 -5.02 7.56
CA GLU A 38 0.80 -5.12 8.89
C GLU A 38 -0.17 -4.83 10.03
N LYS A 39 -1.09 -3.88 9.80
CA LYS A 39 -2.11 -3.53 10.81
C LYS A 39 -1.49 -3.12 12.16
N LYS A 40 -0.39 -2.35 12.10
CA LYS A 40 0.26 -1.85 13.33
C LYS A 40 0.85 -0.43 13.14
N GLY A 41 0.51 0.23 12.00
CA GLY A 41 1.01 1.57 11.71
C GLY A 41 0.16 2.64 12.38
N ARG A 42 0.55 3.90 12.20
CA ARG A 42 -0.17 5.04 12.78
C ARG A 42 -0.60 6.05 11.70
N GLU A 43 -1.76 5.79 11.09
CA GLU A 43 -2.31 6.67 10.06
C GLU A 43 -3.84 6.74 10.22
N GLN A 44 -4.37 7.97 10.26
CA GLN A 44 -5.81 8.17 10.43
C GLN A 44 -6.27 9.47 9.75
N GLU A 45 -7.44 9.41 9.13
CA GLU A 45 -8.01 10.57 8.43
C GLU A 45 -8.12 11.77 9.36
N GLU A 46 -8.35 12.95 8.78
CA GLU A 46 -8.48 14.19 9.55
C GLU A 46 -9.54 15.10 8.93
N LEU A 47 -10.80 14.64 8.95
CA LEU A 47 -11.92 15.40 8.38
C LEU A 47 -12.70 16.10 9.48
N GLU A 48 -13.14 17.33 9.20
CA GLU A 48 -13.91 18.12 10.15
C GLU A 48 -15.06 18.85 9.46
N GLY A 1 -3.35 -12.12 2.17
CA GLY A 1 -2.88 -13.21 1.27
C GLY A 1 -2.96 -12.74 -0.18
N LYS A 2 -3.96 -13.24 -0.91
CA LYS A 2 -4.15 -12.88 -2.31
C LYS A 2 -5.63 -13.01 -2.72
N THR A 3 -5.94 -12.50 -3.92
CA THR A 3 -7.33 -12.53 -4.43
C THR A 3 -8.31 -11.94 -3.40
N ASP A 4 -7.93 -10.79 -2.82
CA ASP A 4 -8.76 -10.12 -1.81
C ASP A 4 -8.15 -8.75 -1.39
N PRO A 5 -6.88 -8.71 -0.91
CA PRO A 5 -6.25 -7.43 -0.44
C PRO A 5 -5.97 -6.44 -1.57
N GLU A 6 -5.93 -5.15 -1.22
CA GLU A 6 -5.63 -4.07 -2.18
C GLU A 6 -4.10 -3.84 -2.28
N LEU A 7 -3.34 -4.30 -1.26
CA LEU A 7 -1.90 -4.13 -1.28
C LEU A 7 -1.28 -4.63 -2.60
N LYS A 8 -2.00 -5.53 -3.28
CA LYS A 8 -1.58 -6.01 -4.58
C LYS A 8 -1.49 -4.83 -5.56
N GLN A 9 -2.55 -3.99 -5.58
CA GLN A 9 -2.61 -2.88 -6.53
C GLN A 9 -1.54 -1.80 -6.28
N CYS A 10 -1.25 -1.47 -4.99
CA CYS A 10 -0.22 -0.45 -4.73
C CYS A 10 1.11 -0.90 -5.30
N LYS A 11 1.50 -2.12 -4.93
CA LYS A 11 2.77 -2.70 -5.39
C LYS A 11 2.77 -2.95 -6.92
N HIS A 12 1.63 -3.41 -7.45
CA HIS A 12 1.52 -3.72 -8.89
C HIS A 12 1.65 -2.46 -9.73
N GLN A 13 0.82 -1.46 -9.44
CA GLN A 13 0.81 -0.21 -10.21
C GLN A 13 2.13 0.51 -10.09
N CYS A 14 2.70 0.48 -8.89
CA CYS A 14 3.95 1.18 -8.61
C CYS A 14 5.19 0.43 -9.12
N LYS A 15 5.00 -0.85 -9.51
CA LYS A 15 6.09 -1.66 -10.07
C LYS A 15 6.01 -1.69 -11.61
N VAL A 16 4.78 -1.79 -12.14
CA VAL A 16 4.56 -1.91 -13.59
C VAL A 16 4.69 -0.58 -14.34
N GLN A 17 4.31 0.51 -13.68
CA GLN A 17 4.28 1.82 -14.32
C GLN A 17 5.68 2.44 -14.43
N ARG A 18 6.03 2.86 -15.65
CA ARG A 18 7.33 3.49 -15.92
C ARG A 18 7.46 4.83 -15.19
N GLN A 19 6.35 5.56 -15.08
CA GLN A 19 6.33 6.88 -14.45
C GLN A 19 6.84 6.79 -13.00
N TYR A 20 6.45 5.73 -12.28
CA TYR A 20 6.90 5.53 -10.91
C TYR A 20 8.34 4.98 -10.92
N ASP A 21 9.15 5.38 -9.93
CA ASP A 21 10.55 4.92 -9.84
C ASP A 21 10.73 3.95 -8.68
N GLU A 22 11.95 3.37 -8.57
CA GLU A 22 12.21 2.35 -7.55
C GLU A 22 11.97 2.88 -6.12
N GLU A 23 12.57 4.04 -5.79
CA GLU A 23 12.43 4.60 -4.43
C GLU A 23 10.96 4.89 -4.13
N GLN A 24 10.28 5.50 -5.09
CA GLN A 24 8.87 5.83 -4.96
C GLN A 24 8.04 4.58 -4.81
N LYS A 25 8.42 3.53 -5.56
CA LYS A 25 7.74 2.26 -5.50
C LYS A 25 7.81 1.72 -4.07
N GLU A 26 8.98 1.89 -3.41
CA GLU A 26 9.13 1.41 -2.03
C GLU A 26 8.12 2.10 -1.14
N GLN A 27 8.04 3.42 -1.28
CA GLN A 27 7.10 4.24 -0.49
C GLN A 27 5.66 3.84 -0.80
N CYS A 28 5.39 3.55 -2.08
CA CYS A 28 4.07 3.12 -2.52
C CYS A 28 3.67 1.81 -1.83
N ALA A 29 4.56 0.82 -1.92
CA ALA A 29 4.34 -0.50 -1.31
C ALA A 29 4.22 -0.38 0.20
N LYS A 30 4.99 0.53 0.79
CA LYS A 30 4.94 0.77 2.22
C LYS A 30 3.55 1.24 2.64
N GLY A 31 2.94 2.11 1.82
CA GLY A 31 1.61 2.64 2.10
C GLY A 31 0.56 1.53 2.16
N CYS A 32 0.58 0.62 1.19
CA CYS A 32 -0.36 -0.50 1.17
C CYS A 32 -0.03 -1.55 2.22
N GLU A 33 1.25 -1.81 2.42
CA GLU A 33 1.70 -2.78 3.40
C GLU A 33 1.32 -2.35 4.80
N LYS A 34 1.52 -1.07 5.08
CA LYS A 34 1.23 -0.54 6.40
C LYS A 34 -0.25 -0.20 6.59
N TYR A 35 -0.87 0.43 5.57
CA TYR A 35 -2.27 0.86 5.66
C TYR A 35 -3.26 -0.30 5.63
N TYR A 36 -3.06 -1.27 4.71
CA TYR A 36 -4.03 -2.38 4.54
C TYR A 36 -3.54 -3.68 5.16
N LYS A 37 -2.21 -3.85 5.26
CA LYS A 37 -1.66 -5.08 5.82
C LYS A 37 -1.29 -4.93 7.30
N GLU A 38 -0.67 -3.77 7.68
CA GLU A 38 -0.30 -3.56 9.10
C GLU A 38 -1.48 -2.98 9.89
N LYS A 39 -2.26 -2.10 9.25
CA LYS A 39 -3.41 -1.46 9.91
C LYS A 39 -4.73 -1.88 9.26
N LYS A 40 -5.77 -2.04 10.10
CA LYS A 40 -7.10 -2.43 9.62
C LYS A 40 -8.02 -1.20 9.51
N GLY A 41 -7.80 -0.20 10.36
CA GLY A 41 -8.64 1.00 10.39
C GLY A 41 -8.56 1.77 9.08
N ARG A 42 -9.67 2.45 8.73
CA ARG A 42 -9.76 3.24 7.50
C ARG A 42 -9.82 4.75 7.77
N GLU A 43 -9.44 5.16 9.00
CA GLU A 43 -9.48 6.58 9.37
C GLU A 43 -8.08 7.10 9.70
N GLN A 44 -7.81 8.34 9.26
CA GLN A 44 -6.51 8.98 9.51
C GLN A 44 -6.72 10.37 10.15
N GLU A 45 -7.07 10.35 11.45
CA GLU A 45 -7.32 11.59 12.19
C GLU A 45 -7.11 11.39 13.69
N GLU A 46 -6.94 12.50 14.42
CA GLU A 46 -6.76 12.45 15.87
C GLU A 46 -8.11 12.44 16.58
N LEU A 47 -8.18 11.71 17.71
CA LEU A 47 -9.41 11.61 18.50
C LEU A 47 -9.67 12.92 19.23
N GLU A 48 -10.89 13.47 19.04
CA GLU A 48 -11.29 14.72 19.69
C GLU A 48 -11.87 14.43 21.07
N GLY A 1 1.42 -14.79 -2.86
CA GLY A 1 0.88 -15.98 -2.15
C GLY A 1 -0.64 -15.95 -2.17
N LYS A 2 -1.22 -14.81 -1.78
CA LYS A 2 -2.68 -14.65 -1.76
C LYS A 2 -3.11 -13.51 -2.70
N THR A 3 -4.27 -13.70 -3.35
CA THR A 3 -4.80 -12.72 -4.32
C THR A 3 -5.66 -11.63 -3.64
N ASP A 4 -6.25 -11.96 -2.49
CA ASP A 4 -7.14 -11.03 -1.78
C ASP A 4 -6.48 -9.68 -1.32
N PRO A 5 -5.15 -9.61 -0.99
CA PRO A 5 -4.54 -8.33 -0.47
C PRO A 5 -4.74 -7.15 -1.41
N GLU A 6 -5.14 -5.99 -0.84
CA GLU A 6 -5.27 -4.75 -1.62
C GLU A 6 -3.87 -4.22 -1.99
N LEU A 7 -2.95 -4.30 -1.01
CA LEU A 7 -1.59 -3.79 -1.19
C LEU A 7 -0.86 -4.45 -2.35
N LYS A 8 -1.31 -5.66 -2.76
CA LYS A 8 -0.68 -6.30 -3.92
C LYS A 8 -0.81 -5.34 -5.13
N GLN A 9 -2.03 -4.79 -5.27
CA GLN A 9 -2.38 -3.89 -6.35
C GLN A 9 -1.64 -2.55 -6.26
N CYS A 10 -1.54 -1.96 -5.04
CA CYS A 10 -0.88 -0.67 -4.88
C CYS A 10 0.57 -0.77 -5.32
N LYS A 11 1.24 -1.76 -4.78
CA LYS A 11 2.64 -2.05 -5.13
C LYS A 11 2.80 -2.43 -6.62
N HIS A 12 1.73 -3.00 -7.21
CA HIS A 12 1.76 -3.42 -8.62
C HIS A 12 1.85 -2.23 -9.59
N GLN A 13 0.94 -1.24 -9.45
CA GLN A 13 0.95 -0.06 -10.35
C GLN A 13 2.16 0.82 -10.13
N CYS A 14 2.71 0.79 -8.91
CA CYS A 14 3.86 1.62 -8.59
C CYS A 14 5.14 1.11 -9.25
N LYS A 15 5.29 -0.22 -9.35
CA LYS A 15 6.48 -0.82 -9.95
C LYS A 15 6.43 -0.89 -11.50
N VAL A 16 5.21 -1.06 -12.05
CA VAL A 16 5.04 -1.21 -13.51
C VAL A 16 5.13 0.10 -14.28
N GLN A 17 4.66 1.19 -13.67
CA GLN A 17 4.62 2.49 -14.33
C GLN A 17 6.03 3.02 -14.57
N ARG A 18 6.26 3.50 -15.80
CA ARG A 18 7.55 4.10 -16.17
C ARG A 18 7.78 5.35 -15.30
N GLN A 19 6.72 6.13 -15.11
CA GLN A 19 6.78 7.37 -14.32
C GLN A 19 7.16 7.06 -12.87
N TYR A 20 6.62 5.96 -12.32
CA TYR A 20 6.93 5.56 -10.94
C TYR A 20 8.29 4.83 -10.92
N ASP A 21 9.11 5.13 -9.89
CA ASP A 21 10.44 4.52 -9.75
C ASP A 21 10.48 3.54 -8.59
N GLU A 22 11.60 2.80 -8.47
CA GLU A 22 11.74 1.78 -7.42
C GLU A 22 11.55 2.39 -6.04
N GLU A 23 12.14 3.58 -5.83
CA GLU A 23 12.00 4.28 -4.55
C GLU A 23 10.52 4.59 -4.29
N GLN A 24 9.82 4.98 -5.36
CA GLN A 24 8.38 5.27 -5.29
C GLN A 24 7.60 4.02 -4.96
N LYS A 25 8.05 2.88 -5.51
CA LYS A 25 7.42 1.59 -5.25
C LYS A 25 7.43 1.32 -3.75
N GLU A 26 8.56 1.67 -3.10
CA GLU A 26 8.67 1.46 -1.65
C GLU A 26 7.60 2.27 -0.94
N GLN A 27 7.45 3.53 -1.35
CA GLN A 27 6.46 4.43 -0.75
C GLN A 27 5.04 3.93 -1.01
N CYS A 28 4.78 3.43 -2.24
CA CYS A 28 3.46 2.92 -2.60
C CYS A 28 3.10 1.71 -1.73
N ALA A 29 4.08 0.79 -1.62
CA ALA A 29 3.91 -0.42 -0.84
C ALA A 29 3.69 -0.10 0.63
N LYS A 30 4.37 0.95 1.11
CA LYS A 30 4.20 1.43 2.48
C LYS A 30 2.77 1.91 2.71
N GLY A 31 2.18 2.55 1.68
CA GLY A 31 0.82 3.08 1.78
C GLY A 31 -0.21 1.98 2.03
N CYS A 32 -0.39 1.09 1.04
CA CYS A 32 -1.40 0.02 1.15
C CYS A 32 -1.07 -1.05 2.18
N GLU A 33 0.21 -1.36 2.32
CA GLU A 33 0.66 -2.33 3.32
C GLU A 33 0.38 -1.80 4.73
N LYS A 34 0.57 -0.49 4.93
CA LYS A 34 0.38 0.09 6.26
C LYS A 34 -1.09 0.47 6.52
N TYR A 35 -1.74 1.00 5.49
CA TYR A 35 -3.13 1.46 5.60
C TYR A 35 -4.12 0.30 5.74
N TYR A 36 -3.92 -0.76 4.95
CA TYR A 36 -4.87 -1.89 4.92
C TYR A 36 -4.32 -3.13 5.61
N LYS A 37 -2.98 -3.23 5.73
CA LYS A 37 -2.36 -4.43 6.30
C LYS A 37 -1.85 -4.20 7.73
N GLU A 38 -1.17 -3.04 8.00
CA GLU A 38 -0.68 -2.78 9.38
C GLU A 38 -1.81 -2.58 10.39
N LYS A 39 -2.92 -1.96 9.94
CA LYS A 39 -4.08 -1.75 10.82
C LYS A 39 -5.35 -2.41 10.25
N LYS A 40 -5.49 -2.33 8.91
CA LYS A 40 -6.63 -2.95 8.21
C LYS A 40 -7.96 -2.34 8.67
N GLY A 41 -8.86 -2.15 7.70
CA GLY A 41 -10.19 -1.58 7.98
C GLY A 41 -10.14 -0.07 7.97
N ARG A 42 -11.32 0.56 8.09
CA ARG A 42 -11.42 2.02 8.11
C ARG A 42 -12.11 2.49 9.38
N GLU A 43 -11.45 3.41 10.11
CA GLU A 43 -11.99 3.95 11.35
C GLU A 43 -12.22 5.45 11.20
N GLN A 44 -13.42 5.90 11.61
CA GLN A 44 -13.77 7.32 11.50
C GLN A 44 -12.84 8.19 12.33
N GLU A 45 -12.49 7.71 13.52
CA GLU A 45 -11.58 8.43 14.42
C GLU A 45 -10.38 7.55 14.79
N GLU A 46 -9.18 8.03 14.46
CA GLU A 46 -7.94 7.29 14.76
C GLU A 46 -6.74 8.24 14.87
N LEU A 47 -5.75 7.84 15.68
CA LEU A 47 -4.54 8.65 15.88
C LEU A 47 -3.39 8.10 15.04
N GLU A 48 -2.83 8.94 14.18
CA GLU A 48 -1.71 8.55 13.31
C GLU A 48 -0.56 9.55 13.42
N GLY A 1 -6.45 -17.84 -3.62
CA GLY A 1 -5.64 -17.73 -2.39
C GLY A 1 -6.55 -17.61 -1.17
N LYS A 2 -6.05 -18.04 -0.01
CA LYS A 2 -6.81 -17.99 1.24
C LYS A 2 -7.18 -16.54 1.62
N THR A 3 -6.38 -15.57 1.12
CA THR A 3 -6.61 -14.16 1.40
C THR A 3 -6.51 -13.36 0.11
N ASP A 4 -7.41 -12.37 -0.06
CA ASP A 4 -7.42 -11.53 -1.26
C ASP A 4 -7.03 -10.07 -0.89
N PRO A 5 -5.76 -9.82 -0.47
CA PRO A 5 -5.30 -8.45 -0.07
C PRO A 5 -5.28 -7.46 -1.24
N GLU A 6 -5.50 -6.19 -0.90
CA GLU A 6 -5.43 -5.10 -1.88
C GLU A 6 -3.95 -4.65 -2.10
N LEU A 7 -3.06 -5.02 -1.14
CA LEU A 7 -1.66 -4.65 -1.26
C LEU A 7 -1.10 -5.02 -2.64
N LYS A 8 -1.73 -6.00 -3.30
CA LYS A 8 -1.34 -6.39 -4.64
C LYS A 8 -1.48 -5.17 -5.56
N GLN A 9 -2.66 -4.55 -5.48
CA GLN A 9 -3.02 -3.42 -6.34
C GLN A 9 -2.11 -2.20 -6.17
N CYS A 10 -1.83 -1.79 -4.91
CA CYS A 10 -0.98 -0.60 -4.71
C CYS A 10 0.41 -0.85 -5.30
N LYS A 11 0.99 -1.96 -4.90
CA LYS A 11 2.35 -2.33 -5.30
C LYS A 11 2.49 -2.48 -6.82
N HIS A 12 1.44 -3.01 -7.48
CA HIS A 12 1.47 -3.16 -8.95
C HIS A 12 1.51 -1.80 -9.65
N GLN A 13 0.69 -0.85 -9.18
CA GLN A 13 0.60 0.47 -9.84
C GLN A 13 1.97 1.13 -9.88
N CYS A 14 2.65 1.16 -8.73
CA CYS A 14 4.01 1.73 -8.66
C CYS A 14 5.05 0.82 -9.35
N LYS A 15 4.71 -0.46 -9.51
CA LYS A 15 5.56 -1.42 -10.22
C LYS A 15 5.58 -1.12 -11.74
N VAL A 16 4.41 -0.78 -12.30
CA VAL A 16 4.25 -0.57 -13.75
C VAL A 16 4.56 0.87 -14.19
N GLN A 17 4.41 1.81 -13.26
CA GLN A 17 4.55 3.23 -13.59
C GLN A 17 5.99 3.73 -13.50
N ARG A 18 6.45 4.34 -14.60
CA ARG A 18 7.79 4.96 -14.65
C ARG A 18 7.90 6.11 -13.67
N GLN A 19 6.79 6.87 -13.53
CA GLN A 19 6.73 8.03 -12.66
C GLN A 19 7.03 7.64 -11.21
N TYR A 20 6.56 6.45 -10.79
CA TYR A 20 6.84 5.96 -9.43
C TYR A 20 8.15 5.15 -9.43
N ASP A 21 9.25 5.81 -9.05
CA ASP A 21 10.59 5.19 -9.06
C ASP A 21 10.77 4.23 -7.87
N GLU A 22 12.00 3.74 -7.66
CA GLU A 22 12.27 2.76 -6.60
C GLU A 22 11.91 3.32 -5.23
N GLU A 23 12.25 4.59 -4.97
CA GLU A 23 11.90 5.22 -3.68
C GLU A 23 10.38 5.28 -3.54
N GLN A 24 9.71 5.59 -4.64
CA GLN A 24 8.25 5.64 -4.70
C GLN A 24 7.66 4.27 -4.45
N LYS A 25 8.34 3.24 -4.99
CA LYS A 25 7.92 1.87 -4.83
C LYS A 25 7.88 1.53 -3.34
N GLU A 26 8.85 2.06 -2.57
CA GLU A 26 8.85 1.83 -1.14
C GLU A 26 7.59 2.42 -0.51
N GLN A 27 7.26 3.65 -0.94
CA GLN A 27 6.09 4.37 -0.41
C GLN A 27 4.76 3.67 -0.75
N CYS A 28 4.61 3.18 -2.00
CA CYS A 28 3.35 2.53 -2.41
C CYS A 28 3.14 1.24 -1.62
N ALA A 29 4.24 0.48 -1.46
CA ALA A 29 4.22 -0.77 -0.74
C ALA A 29 3.88 -0.57 0.73
N LYS A 30 4.35 0.55 1.31
CA LYS A 30 4.08 0.86 2.71
C LYS A 30 2.63 1.26 2.93
N GLY A 31 2.05 2.03 1.98
CA GLY A 31 0.67 2.50 2.11
C GLY A 31 -0.31 1.34 2.19
N CYS A 32 -0.20 0.43 1.23
CA CYS A 32 -1.08 -0.73 1.17
C CYS A 32 -0.75 -1.76 2.24
N GLU A 33 0.53 -2.06 2.40
CA GLU A 33 0.98 -3.04 3.38
C GLU A 33 0.64 -2.60 4.80
N LYS A 34 0.75 -1.30 5.06
CA LYS A 34 0.49 -0.77 6.41
C LYS A 34 -1.01 -0.53 6.67
N TYR A 35 -1.71 0.08 5.71
CA TYR A 35 -3.16 0.37 5.88
C TYR A 35 -4.07 -0.84 5.67
N TYR A 36 -3.69 -1.73 4.73
CA TYR A 36 -4.54 -2.88 4.38
C TYR A 36 -3.98 -4.21 4.88
N LYS A 37 -2.64 -4.30 5.03
CA LYS A 37 -2.04 -5.55 5.49
C LYS A 37 -1.69 -5.49 7.00
N GLU A 38 -1.24 -4.30 7.49
CA GLU A 38 -0.86 -4.15 8.90
C GLU A 38 -2.05 -3.71 9.78
N LYS A 39 -3.01 -2.99 9.17
CA LYS A 39 -4.18 -2.49 9.91
C LYS A 39 -5.47 -3.15 9.41
N LYS A 40 -6.07 -3.99 10.26
CA LYS A 40 -7.31 -4.69 9.93
C LYS A 40 -8.45 -3.68 9.70
N GLY A 41 -8.54 -2.68 10.58
CA GLY A 41 -9.59 -1.67 10.50
C GLY A 41 -9.16 -0.46 9.66
N ARG A 42 -9.89 0.65 9.81
CA ARG A 42 -9.60 1.88 9.06
C ARG A 42 -9.75 3.11 9.95
N GLU A 43 -8.95 4.14 9.68
CA GLU A 43 -9.00 5.40 10.45
C GLU A 43 -8.15 6.49 9.79
N GLN A 44 -8.52 7.75 10.06
CA GLN A 44 -7.79 8.91 9.52
C GLN A 44 -6.48 9.12 10.27
N GLU A 45 -5.46 9.63 9.56
CA GLU A 45 -4.15 9.91 10.17
C GLU A 45 -3.63 11.30 9.81
N GLU A 46 -4.13 11.87 8.69
CA GLU A 46 -3.70 13.19 8.23
C GLU A 46 -2.16 13.25 8.13
N LEU A 47 -1.57 12.16 7.63
CA LEU A 47 -0.11 12.07 7.50
C LEU A 47 0.34 12.64 6.15
N GLU A 48 1.23 13.64 6.19
CA GLU A 48 1.76 14.28 4.99
C GLU A 48 2.74 13.37 4.27
N GLY A 1 -13.32 -15.10 -1.33
CA GLY A 1 -12.18 -15.18 -0.38
C GLY A 1 -12.57 -14.49 0.93
N LYS A 2 -11.71 -14.63 1.95
CA LYS A 2 -11.95 -14.03 3.25
C LYS A 2 -12.03 -12.50 3.12
N THR A 3 -11.11 -11.93 2.35
CA THR A 3 -11.05 -10.49 2.14
C THR A 3 -10.40 -10.13 0.80
N ASP A 4 -10.64 -8.89 0.35
CA ASP A 4 -10.07 -8.38 -0.90
C ASP A 4 -9.16 -7.15 -0.60
N PRO A 5 -7.85 -7.37 -0.33
CA PRO A 5 -6.93 -6.24 0.06
C PRO A 5 -6.70 -5.22 -1.05
N GLU A 6 -6.77 -3.94 -0.67
CA GLU A 6 -6.41 -2.82 -1.56
C GLU A 6 -4.89 -2.75 -1.74
N LEU A 7 -4.17 -3.08 -0.66
CA LEU A 7 -2.72 -2.99 -0.61
C LEU A 7 -2.07 -3.56 -1.90
N LYS A 8 -2.70 -4.59 -2.48
CA LYS A 8 -2.19 -5.20 -3.69
C LYS A 8 -2.18 -4.17 -4.84
N GLN A 9 -3.31 -3.44 -4.98
CA GLN A 9 -3.46 -2.44 -6.03
C GLN A 9 -2.39 -1.35 -5.88
N CYS A 10 -2.12 -0.95 -4.63
CA CYS A 10 -1.11 0.04 -4.34
C CYS A 10 0.24 -0.44 -4.89
N LYS A 11 0.66 -1.62 -4.47
CA LYS A 11 1.90 -2.21 -4.93
C LYS A 11 1.90 -2.36 -6.47
N HIS A 12 0.72 -2.66 -7.03
CA HIS A 12 0.58 -2.83 -8.49
C HIS A 12 0.94 -1.53 -9.23
N GLN A 13 0.35 -0.39 -8.78
CA GLN A 13 0.52 0.89 -9.50
C GLN A 13 2.00 1.23 -9.59
N CYS A 14 2.71 1.07 -8.49
CA CYS A 14 4.18 1.29 -8.47
C CYS A 14 4.93 0.15 -9.18
N LYS A 15 4.30 -1.02 -9.24
CA LYS A 15 4.86 -2.17 -9.94
C LYS A 15 4.85 -1.96 -11.47
N VAL A 16 3.78 -1.33 -11.99
CA VAL A 16 3.59 -1.19 -13.45
C VAL A 16 3.88 0.21 -14.00
N GLN A 17 3.75 1.26 -13.16
CA GLN A 17 3.93 2.63 -13.65
C GLN A 17 5.39 3.08 -13.61
N ARG A 18 5.92 3.44 -14.80
CA ARG A 18 7.32 3.88 -14.95
C ARG A 18 7.58 5.25 -14.28
N GLN A 19 6.51 6.01 -14.06
CA GLN A 19 6.59 7.33 -13.44
C GLN A 19 7.20 7.24 -12.03
N TYR A 20 6.87 6.14 -11.31
CA TYR A 20 7.42 5.92 -9.98
C TYR A 20 8.90 5.45 -10.10
N ASP A 21 9.77 6.01 -9.25
CA ASP A 21 11.20 5.66 -9.24
C ASP A 21 11.42 4.30 -8.59
N GLU A 22 12.69 3.85 -8.52
CA GLU A 22 13.00 2.59 -7.83
C GLU A 22 12.75 2.75 -6.34
N GLU A 23 13.34 3.80 -5.77
CA GLU A 23 13.18 4.13 -4.35
C GLU A 23 11.73 4.45 -4.02
N GLN A 24 11.06 5.14 -4.93
CA GLN A 24 9.66 5.51 -4.77
C GLN A 24 8.78 4.29 -4.72
N LYS A 25 9.11 3.29 -5.55
CA LYS A 25 8.37 2.03 -5.54
C LYS A 25 8.46 1.40 -4.16
N GLU A 26 9.64 1.49 -3.53
CA GLU A 26 9.81 0.93 -2.18
C GLU A 26 8.86 1.64 -1.24
N GLN A 27 8.84 2.97 -1.32
CA GLN A 27 7.98 3.79 -0.49
C GLN A 27 6.50 3.45 -0.73
N CYS A 28 6.16 3.19 -1.99
CA CYS A 28 4.81 2.79 -2.37
C CYS A 28 4.43 1.47 -1.68
N ALA A 29 5.27 0.45 -1.87
CA ALA A 29 5.04 -0.89 -1.31
C ALA A 29 4.97 -0.85 0.21
N LYS A 30 5.81 0.00 0.81
CA LYS A 30 5.82 0.16 2.27
C LYS A 30 4.50 0.70 2.78
N GLY A 31 3.91 1.65 2.04
CA GLY A 31 2.63 2.25 2.44
C GLY A 31 1.51 1.22 2.50
N CYS A 32 1.38 0.42 1.43
CA CYS A 32 0.34 -0.61 1.35
C CYS A 32 0.61 -1.81 2.26
N GLU A 33 1.85 -2.25 2.29
CA GLU A 33 2.24 -3.38 3.11
C GLU A 33 2.15 -3.03 4.61
N LYS A 34 2.58 -1.82 4.99
CA LYS A 34 2.60 -1.44 6.40
C LYS A 34 1.29 -0.83 6.90
N TYR A 35 0.71 0.08 6.12
CA TYR A 35 -0.56 0.73 6.51
C TYR A 35 -1.74 -0.23 6.44
N TYR A 36 -1.76 -1.07 5.39
CA TYR A 36 -2.90 -1.95 5.15
C TYR A 36 -2.64 -3.41 5.55
N LYS A 37 -1.34 -3.82 5.59
CA LYS A 37 -1.01 -5.22 5.93
C LYS A 37 -0.41 -5.35 7.33
N GLU A 38 0.52 -4.45 7.72
CA GLU A 38 1.12 -4.53 9.07
C GLU A 38 0.08 -4.19 10.14
N LYS A 39 -0.80 -3.22 9.83
CA LYS A 39 -1.85 -2.81 10.75
C LYS A 39 -3.21 -2.74 10.04
N LYS A 40 -4.23 -3.33 10.66
CA LYS A 40 -5.59 -3.36 10.08
C LYS A 40 -6.21 -1.96 10.03
N GLY A 41 -7.37 -1.86 9.38
CA GLY A 41 -8.09 -0.59 9.24
C GLY A 41 -9.59 -0.82 9.02
N ARG A 42 -10.38 0.26 9.11
CA ARG A 42 -11.83 0.19 8.94
C ARG A 42 -12.20 -0.34 7.54
N GLU A 43 -11.55 0.21 6.52
CA GLU A 43 -11.79 -0.20 5.12
C GLU A 43 -10.58 0.14 4.26
N GLN A 44 -10.30 1.45 4.14
CA GLN A 44 -9.14 1.94 3.39
C GLN A 44 -8.38 2.96 4.23
N GLU A 45 -9.01 4.13 4.45
CA GLU A 45 -8.43 5.18 5.30
C GLU A 45 -9.49 5.71 6.27
N GLU A 46 -10.51 6.38 5.73
CA GLU A 46 -11.61 6.93 6.52
C GLU A 46 -12.91 6.88 5.72
N LEU A 47 -13.95 6.26 6.32
CA LEU A 47 -15.26 6.12 5.65
C LEU A 47 -16.24 7.17 6.15
N GLU A 48 -16.73 8.00 5.22
CA GLU A 48 -17.68 9.06 5.56
C GLU A 48 -18.89 8.49 6.30
N GLY A 1 -5.85 -10.32 2.74
CA GLY A 1 -7.09 -10.82 3.38
C GLY A 1 -7.27 -12.31 3.06
N LYS A 2 -8.46 -12.83 3.37
CA LYS A 2 -8.77 -14.24 3.14
C LYS A 2 -8.69 -14.57 1.64
N THR A 3 -9.23 -13.68 0.79
CA THR A 3 -9.26 -13.92 -0.66
C THR A 3 -8.18 -13.09 -1.40
N ASP A 4 -8.53 -11.88 -1.90
CA ASP A 4 -7.59 -11.05 -2.66
C ASP A 4 -7.53 -9.60 -2.09
N PRO A 5 -6.55 -9.26 -1.22
CA PRO A 5 -6.44 -7.89 -0.63
C PRO A 5 -6.01 -6.84 -1.67
N GLU A 6 -6.40 -5.60 -1.43
CA GLU A 6 -6.06 -4.46 -2.30
C GLU A 6 -4.55 -4.26 -2.41
N LEU A 7 -3.84 -4.58 -1.33
CA LEU A 7 -2.39 -4.38 -1.24
C LEU A 7 -1.66 -4.84 -2.53
N LYS A 8 -2.09 -5.96 -3.13
CA LYS A 8 -1.42 -6.46 -4.35
C LYS A 8 -1.47 -5.40 -5.44
N GLN A 9 -2.65 -4.81 -5.64
CA GLN A 9 -2.86 -3.82 -6.68
C GLN A 9 -1.97 -2.59 -6.50
N CYS A 10 -1.79 -2.16 -5.24
CA CYS A 10 -0.96 -1.00 -4.94
C CYS A 10 0.49 -1.22 -5.38
N LYS A 11 1.16 -2.19 -4.75
CA LYS A 11 2.58 -2.45 -5.05
C LYS A 11 2.80 -2.81 -6.53
N HIS A 12 1.79 -3.45 -7.15
CA HIS A 12 1.89 -3.87 -8.54
C HIS A 12 2.00 -2.66 -9.48
N GLN A 13 1.05 -1.73 -9.35
CA GLN A 13 1.01 -0.56 -10.24
C GLN A 13 2.20 0.38 -10.05
N CYS A 14 2.74 0.44 -8.84
CA CYS A 14 3.90 1.29 -8.56
C CYS A 14 5.23 0.62 -8.98
N LYS A 15 5.20 -0.70 -9.17
CA LYS A 15 6.39 -1.45 -9.60
C LYS A 15 6.43 -1.60 -11.13
N VAL A 16 5.26 -1.87 -11.73
CA VAL A 16 5.17 -2.11 -13.17
C VAL A 16 5.28 -0.83 -14.01
N GLN A 17 4.78 0.29 -13.47
CA GLN A 17 4.75 1.54 -14.22
C GLN A 17 6.10 2.28 -14.13
N ARG A 18 6.64 2.60 -15.30
CA ARG A 18 7.92 3.33 -15.42
C ARG A 18 7.83 4.72 -14.79
N GLN A 19 6.65 5.33 -14.89
CA GLN A 19 6.43 6.69 -14.39
C GLN A 19 6.76 6.82 -12.91
N TYR A 20 6.50 5.74 -12.14
CA TYR A 20 6.84 5.73 -10.71
C TYR A 20 8.30 5.30 -10.53
N ASP A 21 9.10 6.14 -9.86
CA ASP A 21 10.52 5.83 -9.62
C ASP A 21 10.67 4.79 -8.52
N GLU A 22 11.86 4.20 -8.39
CA GLU A 22 12.08 3.13 -7.41
C GLU A 22 11.78 3.60 -5.99
N GLU A 23 12.24 4.82 -5.65
CA GLU A 23 11.98 5.38 -4.32
C GLU A 23 10.48 5.55 -4.11
N GLN A 24 9.81 6.00 -5.17
CA GLN A 24 8.35 6.19 -5.16
C GLN A 24 7.65 4.85 -4.98
N LYS A 25 8.21 3.82 -5.63
CA LYS A 25 7.69 2.48 -5.54
C LYS A 25 7.73 2.02 -4.08
N GLU A 26 8.81 2.39 -3.36
CA GLU A 26 8.92 2.03 -1.96
C GLU A 26 7.78 2.65 -1.18
N GLN A 27 7.52 3.93 -1.45
CA GLN A 27 6.46 4.67 -0.76
C GLN A 27 5.10 4.02 -1.02
N CYS A 28 4.87 3.56 -2.26
CA CYS A 28 3.60 2.91 -2.60
C CYS A 28 3.41 1.66 -1.76
N ALA A 29 4.48 0.86 -1.67
CA ALA A 29 4.45 -0.38 -0.88
C ALA A 29 4.16 -0.10 0.58
N LYS A 30 4.61 1.07 1.06
CA LYS A 30 4.37 1.47 2.44
C LYS A 30 2.88 1.71 2.69
N GLY A 31 2.20 2.37 1.72
CA GLY A 31 0.77 2.69 1.87
C GLY A 31 -0.09 1.42 1.96
N CYS A 32 0.07 0.52 0.98
CA CYS A 32 -0.70 -0.74 0.94
C CYS A 32 -0.34 -1.68 2.07
N GLU A 33 0.95 -1.90 2.27
CA GLU A 33 1.41 -2.80 3.30
C GLU A 33 1.00 -2.31 4.69
N LYS A 34 1.11 -1.00 4.93
CA LYS A 34 0.77 -0.45 6.25
C LYS A 34 -0.72 -0.26 6.48
N TYR A 35 -1.44 0.31 5.49
CA TYR A 35 -2.88 0.59 5.64
C TYR A 35 -3.79 -0.59 5.32
N TYR A 36 -3.35 -1.50 4.43
CA TYR A 36 -4.19 -2.65 4.03
C TYR A 36 -3.66 -3.96 4.59
N LYS A 37 -2.34 -4.03 4.89
CA LYS A 37 -1.75 -5.26 5.42
C LYS A 37 -1.48 -5.17 6.93
N GLU A 38 -1.06 -3.96 7.43
CA GLU A 38 -0.78 -3.82 8.88
C GLU A 38 -1.94 -3.17 9.64
N LYS A 39 -2.70 -2.30 8.97
CA LYS A 39 -3.81 -1.59 9.62
C LYS A 39 -5.13 -2.36 9.48
N LYS A 40 -5.78 -2.61 10.62
CA LYS A 40 -7.04 -3.34 10.65
C LYS A 40 -7.81 -3.02 11.94
N GLY A 41 -9.15 -3.09 11.87
CA GLY A 41 -10.01 -2.83 13.03
C GLY A 41 -10.78 -1.50 12.90
N ARG A 42 -10.36 -0.64 11.97
CA ARG A 42 -11.05 0.64 11.73
C ARG A 42 -11.15 1.45 13.04
N GLU A 43 -10.08 1.41 13.84
CA GLU A 43 -10.05 2.11 15.12
C GLU A 43 -9.26 3.43 15.00
N GLN A 44 -9.85 4.51 15.54
CA GLN A 44 -9.22 5.83 15.51
C GLN A 44 -8.23 5.98 16.65
N GLU A 45 -7.40 7.03 16.58
CA GLU A 45 -6.39 7.29 17.63
C GLU A 45 -5.66 8.63 17.43
N GLU A 46 -6.25 9.55 16.65
CA GLU A 46 -5.62 10.85 16.38
C GLU A 46 -5.30 11.57 17.69
N LEU A 47 -4.03 11.97 17.83
CA LEU A 47 -3.55 12.67 19.04
C LEU A 47 -3.90 14.16 18.97
N GLU A 48 -4.63 14.64 19.99
CA GLU A 48 -5.05 16.06 20.05
C GLU A 48 -5.69 16.50 18.73
N GLY A 1 -4.62 -11.51 5.14
CA GLY A 1 -5.60 -12.63 5.10
C GLY A 1 -6.97 -12.10 4.68
N LYS A 2 -7.16 -11.95 3.37
CA LYS A 2 -8.42 -11.46 2.82
C LYS A 2 -8.69 -12.05 1.44
N THR A 3 -9.96 -12.29 1.13
CA THR A 3 -10.36 -12.88 -0.15
C THR A 3 -9.95 -11.96 -1.31
N ASP A 4 -10.20 -10.65 -1.14
CA ASP A 4 -9.86 -9.65 -2.17
C ASP A 4 -9.02 -8.49 -1.57
N PRO A 5 -7.71 -8.71 -1.32
CA PRO A 5 -6.82 -7.65 -0.72
C PRO A 5 -6.55 -6.50 -1.68
N GLU A 6 -6.45 -5.29 -1.14
CA GLU A 6 -6.18 -4.09 -1.95
C GLU A 6 -4.67 -3.86 -2.10
N LEU A 7 -3.93 -4.11 -1.00
CA LEU A 7 -2.46 -3.88 -0.99
C LEU A 7 -1.79 -4.45 -2.24
N LYS A 8 -2.34 -5.57 -2.75
CA LYS A 8 -1.80 -6.19 -3.97
C LYS A 8 -1.87 -5.21 -5.14
N GLN A 9 -3.06 -4.62 -5.34
CA GLN A 9 -3.27 -3.64 -6.41
C GLN A 9 -2.37 -2.44 -6.21
N CYS A 10 -2.23 -2.02 -4.94
CA CYS A 10 -1.41 -0.91 -4.59
C CYS A 10 0.04 -1.13 -5.00
N LYS A 11 0.61 -2.29 -4.60
CA LYS A 11 1.99 -2.61 -4.98
C LYS A 11 2.15 -2.62 -6.49
N HIS A 12 1.27 -3.37 -7.18
CA HIS A 12 1.38 -3.56 -8.64
C HIS A 12 1.40 -2.23 -9.39
N GLN A 13 0.51 -1.27 -9.02
CA GLN A 13 0.51 0.03 -9.70
C GLN A 13 1.85 0.73 -9.55
N CYS A 14 2.52 0.51 -8.39
CA CYS A 14 3.82 1.13 -8.14
C CYS A 14 4.84 0.68 -9.19
N LYS A 15 4.98 -0.65 -9.34
CA LYS A 15 5.98 -1.25 -10.24
C LYS A 15 5.64 -1.06 -11.74
N VAL A 16 4.36 -1.25 -12.10
CA VAL A 16 3.96 -1.25 -13.53
C VAL A 16 4.06 0.12 -14.19
N GLN A 17 3.80 1.18 -13.41
CA GLN A 17 3.81 2.54 -13.97
C GLN A 17 5.24 3.07 -14.14
N ARG A 18 5.53 3.58 -15.34
CA ARG A 18 6.86 4.12 -15.65
C ARG A 18 7.21 5.30 -14.74
N GLN A 19 6.21 6.13 -14.44
CA GLN A 19 6.39 7.32 -13.61
C GLN A 19 7.09 6.97 -12.28
N TYR A 20 6.96 5.71 -11.83
CA TYR A 20 7.60 5.27 -10.59
C TYR A 20 8.95 4.64 -10.90
N ASP A 21 9.95 4.93 -10.04
CA ASP A 21 11.29 4.33 -10.18
C ASP A 21 11.52 3.33 -9.06
N GLU A 22 12.70 2.70 -9.03
CA GLU A 22 12.97 1.64 -8.05
C GLU A 22 12.81 2.14 -6.60
N GLU A 23 13.47 3.27 -6.27
CA GLU A 23 13.41 3.81 -4.90
C GLU A 23 11.99 4.24 -4.53
N GLN A 24 11.32 4.91 -5.48
CA GLN A 24 9.94 5.37 -5.26
C GLN A 24 9.00 4.20 -5.13
N LYS A 25 9.26 3.14 -5.91
CA LYS A 25 8.47 1.93 -5.86
C LYS A 25 8.53 1.36 -4.45
N GLU A 26 9.70 1.44 -3.80
CA GLU A 26 9.84 0.91 -2.44
C GLU A 26 8.91 1.67 -1.50
N GLN A 27 8.92 3.00 -1.62
CA GLN A 27 8.07 3.86 -0.80
C GLN A 27 6.59 3.61 -1.09
N CYS A 28 6.28 3.39 -2.37
CA CYS A 28 4.90 3.13 -2.80
C CYS A 28 4.39 1.82 -2.17
N ALA A 29 5.19 0.75 -2.34
CA ALA A 29 4.87 -0.56 -1.77
C ALA A 29 4.81 -0.48 -0.25
N LYS A 30 5.67 0.37 0.33
CA LYS A 30 5.70 0.60 1.76
C LYS A 30 4.34 1.11 2.25
N GLY A 31 3.72 2.00 1.45
CA GLY A 31 2.41 2.56 1.79
C GLY A 31 1.33 1.47 1.87
N CYS A 32 1.32 0.56 0.89
CA CYS A 32 0.33 -0.53 0.85
C CYS A 32 0.53 -1.47 2.03
N GLU A 33 1.77 -1.87 2.23
CA GLU A 33 2.13 -2.77 3.32
C GLU A 33 1.90 -2.12 4.69
N LYS A 34 2.22 -0.84 4.80
CA LYS A 34 2.15 -0.14 6.08
C LYS A 34 0.72 0.34 6.43
N TYR A 35 0.06 1.03 5.50
CA TYR A 35 -1.29 1.57 5.73
C TYR A 35 -2.37 0.49 5.76
N TYR A 36 -2.23 -0.51 4.89
CA TYR A 36 -3.26 -1.56 4.76
C TYR A 36 -2.87 -2.89 5.41
N LYS A 37 -1.55 -3.12 5.60
CA LYS A 37 -1.09 -4.39 6.21
C LYS A 37 -0.59 -4.19 7.66
N GLU A 38 0.22 -3.13 7.90
CA GLU A 38 0.74 -2.90 9.27
C GLU A 38 -0.39 -2.52 10.24
N LYS A 39 -1.39 -1.78 9.74
CA LYS A 39 -2.53 -1.33 10.56
C LYS A 39 -2.07 -0.30 11.61
N LYS A 40 -1.91 0.95 11.16
CA LYS A 40 -1.48 2.04 12.05
C LYS A 40 -2.03 3.37 11.57
N GLY A 41 -2.33 4.27 12.52
CA GLY A 41 -2.87 5.60 12.21
C GLY A 41 -4.39 5.71 12.39
N ARG A 42 -5.07 4.56 12.59
CA ARG A 42 -6.52 4.56 12.80
C ARG A 42 -6.89 5.36 14.04
N GLU A 43 -6.15 5.14 15.14
CA GLU A 43 -6.33 5.85 16.42
C GLU A 43 -7.80 6.28 16.66
N GLN A 44 -8.55 5.44 17.40
CA GLN A 44 -9.96 5.73 17.72
C GLN A 44 -10.79 5.89 16.43
N GLU A 45 -11.65 4.90 16.17
CA GLU A 45 -12.50 4.90 14.97
C GLU A 45 -13.57 6.02 14.99
N GLU A 46 -14.16 6.25 16.18
CA GLU A 46 -15.25 7.24 16.30
C GLU A 46 -14.84 8.47 17.11
N LEU A 47 -15.49 9.60 16.82
CA LEU A 47 -15.20 10.86 17.52
C LEU A 47 -15.36 10.69 19.02
N GLU A 48 -14.44 11.30 19.78
CA GLU A 48 -14.46 11.23 21.24
C GLU A 48 -15.66 11.98 21.80
N GLY A 1 -11.17 -17.16 -3.77
CA GLY A 1 -10.10 -16.25 -3.27
C GLY A 1 -10.58 -15.57 -1.99
N LYS A 2 -10.30 -16.21 -0.86
CA LYS A 2 -10.70 -15.70 0.45
C LYS A 2 -10.04 -14.33 0.76
N THR A 3 -8.88 -14.07 0.13
CA THR A 3 -8.14 -12.82 0.35
C THR A 3 -8.71 -11.68 -0.52
N ASP A 4 -8.43 -10.44 -0.09
CA ASP A 4 -8.85 -9.24 -0.84
C ASP A 4 -8.00 -8.00 -0.37
N PRO A 5 -6.66 -8.08 -0.45
CA PRO A 5 -5.76 -6.97 0.01
C PRO A 5 -5.70 -5.77 -0.95
N GLU A 6 -5.42 -4.59 -0.37
CA GLU A 6 -5.20 -3.36 -1.16
C GLU A 6 -3.72 -3.24 -1.56
N LEU A 7 -2.83 -3.88 -0.77
CA LEU A 7 -1.41 -3.84 -1.00
C LEU A 7 -1.06 -4.16 -2.44
N LYS A 8 -1.80 -5.07 -3.04
CA LYS A 8 -1.59 -5.39 -4.46
C LYS A 8 -1.68 -4.10 -5.29
N GLN A 9 -2.72 -3.28 -5.01
CA GLN A 9 -2.98 -2.06 -5.78
C GLN A 9 -1.82 -1.03 -5.70
N CYS A 10 -1.34 -0.72 -4.47
CA CYS A 10 -0.28 0.30 -4.33
C CYS A 10 0.95 -0.14 -5.08
N LYS A 11 1.36 -1.37 -4.82
CA LYS A 11 2.52 -1.96 -5.47
C LYS A 11 2.31 -2.06 -6.99
N HIS A 12 1.07 -2.39 -7.39
CA HIS A 12 0.72 -2.53 -8.81
C HIS A 12 1.01 -1.22 -9.54
N GLN A 13 0.52 -0.12 -8.98
CA GLN A 13 0.66 1.20 -9.64
C GLN A 13 2.13 1.48 -9.88
N CYS A 14 2.97 1.18 -8.88
CA CYS A 14 4.41 1.34 -9.02
C CYS A 14 4.96 0.42 -10.12
N LYS A 15 4.51 -0.83 -10.09
CA LYS A 15 4.98 -1.86 -11.02
C LYS A 15 4.63 -1.53 -12.48
N VAL A 16 3.41 -1.05 -12.71
CA VAL A 16 2.91 -0.79 -14.07
C VAL A 16 3.41 0.52 -14.68
N GLN A 17 3.62 1.53 -13.83
CA GLN A 17 4.01 2.86 -14.31
C GLN A 17 5.52 3.00 -14.50
N ARG A 18 5.92 3.35 -15.72
CA ARG A 18 7.32 3.59 -16.07
C ARG A 18 7.87 4.80 -15.29
N GLN A 19 7.03 5.81 -15.11
CA GLN A 19 7.41 7.06 -14.45
C GLN A 19 7.92 6.81 -13.02
N TYR A 20 7.42 5.75 -12.37
CA TYR A 20 7.89 5.41 -11.02
C TYR A 20 9.24 4.69 -11.10
N ASP A 21 10.07 4.90 -10.08
CA ASP A 21 11.41 4.29 -10.01
C ASP A 21 11.43 3.19 -8.94
N GLU A 22 12.50 2.37 -8.93
CA GLU A 22 12.59 1.23 -7.99
C GLU A 22 12.48 1.70 -6.54
N GLU A 23 13.18 2.77 -6.17
CA GLU A 23 13.10 3.30 -4.80
C GLU A 23 11.66 3.74 -4.50
N GLN A 24 11.04 4.36 -5.50
CA GLN A 24 9.65 4.82 -5.40
C GLN A 24 8.72 3.64 -5.24
N LYS A 25 9.04 2.54 -5.94
CA LYS A 25 8.24 1.33 -5.88
C LYS A 25 8.19 0.83 -4.44
N GLU A 26 9.32 0.97 -3.74
CA GLU A 26 9.39 0.55 -2.34
C GLU A 26 8.43 1.36 -1.48
N GLN A 27 8.38 2.68 -1.74
CA GLN A 27 7.54 3.60 -0.97
C GLN A 27 6.06 3.20 -1.00
N CYS A 28 5.49 2.97 -2.20
CA CYS A 28 4.06 2.62 -2.31
C CYS A 28 3.78 1.30 -1.61
N ALA A 29 4.61 0.30 -1.87
CA ALA A 29 4.47 -1.01 -1.26
C ALA A 29 4.58 -0.92 0.27
N LYS A 30 5.50 -0.07 0.73
CA LYS A 30 5.69 0.14 2.17
C LYS A 30 4.43 0.73 2.82
N GLY A 31 3.83 1.73 2.16
CA GLY A 31 2.62 2.38 2.67
C GLY A 31 1.45 1.41 2.76
N CYS A 32 1.19 0.72 1.64
CA CYS A 32 0.09 -0.24 1.56
C CYS A 32 0.32 -1.44 2.47
N GLU A 33 1.57 -1.89 2.54
CA GLU A 33 1.92 -3.05 3.34
C GLU A 33 1.66 -2.79 4.80
N LYS A 34 2.01 -1.60 5.27
CA LYS A 34 1.86 -1.26 6.67
C LYS A 34 0.48 -0.71 7.02
N TYR A 35 -0.09 0.13 6.13
CA TYR A 35 -1.42 0.70 6.36
C TYR A 35 -2.57 -0.27 6.17
N TYR A 36 -2.47 -1.16 5.16
CA TYR A 36 -3.56 -2.10 4.87
C TYR A 36 -3.21 -3.54 5.25
N LYS A 37 -1.91 -3.89 5.21
CA LYS A 37 -1.51 -5.26 5.51
C LYS A 37 -1.09 -5.46 6.98
N GLU A 38 -0.26 -4.53 7.56
CA GLU A 38 0.22 -4.76 8.94
C GLU A 38 -0.89 -4.80 9.99
N LYS A 39 -1.87 -3.89 9.91
CA LYS A 39 -3.00 -3.89 10.86
C LYS A 39 -4.04 -2.83 10.51
N LYS A 40 -5.25 -3.00 11.07
CA LYS A 40 -6.34 -2.04 10.85
C LYS A 40 -6.25 -0.90 11.86
N GLY A 41 -6.64 0.31 11.43
CA GLY A 41 -6.61 1.48 12.31
C GLY A 41 -5.86 2.64 11.65
N ARG A 42 -5.54 3.67 12.46
CA ARG A 42 -4.83 4.85 11.97
C ARG A 42 -5.67 5.63 10.95
N GLU A 43 -6.93 5.90 11.30
CA GLU A 43 -7.86 6.65 10.42
C GLU A 43 -8.07 8.10 10.90
N GLN A 44 -8.90 8.27 11.95
CA GLN A 44 -9.19 9.61 12.49
C GLN A 44 -9.95 9.45 13.81
N GLU A 45 -9.99 10.52 14.63
CA GLU A 45 -10.71 10.50 15.91
C GLU A 45 -12.18 10.88 15.70
N GLU A 46 -13.09 10.22 16.43
CA GLU A 46 -14.52 10.50 16.31
C GLU A 46 -14.95 11.58 17.30
N LEU A 47 -15.35 12.74 16.76
CA LEU A 47 -15.81 13.86 17.60
C LEU A 47 -17.33 13.97 17.58
N GLU A 48 -17.88 14.72 18.54
CA GLU A 48 -19.33 14.91 18.64
C GLU A 48 -19.73 16.18 17.88
N GLY A 1 -5.35 -13.51 4.78
CA GLY A 1 -5.89 -12.26 5.39
C GLY A 1 -6.58 -11.43 4.31
N LYS A 2 -7.92 -11.49 4.28
CA LYS A 2 -8.73 -10.74 3.30
C LYS A 2 -8.42 -11.20 1.88
N THR A 3 -9.47 -11.64 1.17
CA THR A 3 -9.33 -12.11 -0.22
C THR A 3 -9.18 -10.96 -1.22
N ASP A 4 -9.50 -9.72 -0.79
CA ASP A 4 -9.41 -8.54 -1.66
C ASP A 4 -8.56 -7.41 -1.00
N PRO A 5 -7.25 -7.65 -0.72
CA PRO A 5 -6.35 -6.61 -0.10
C PRO A 5 -5.96 -5.52 -1.10
N GLU A 6 -5.57 -4.35 -0.57
CA GLU A 6 -5.13 -3.22 -1.42
C GLU A 6 -3.60 -3.28 -1.70
N LEU A 7 -2.85 -4.03 -0.87
CA LEU A 7 -1.40 -4.16 -1.04
C LEU A 7 -1.06 -4.52 -2.49
N LYS A 8 -1.92 -5.33 -3.11
CA LYS A 8 -1.76 -5.64 -4.53
C LYS A 8 -1.74 -4.35 -5.36
N GLN A 9 -2.74 -3.46 -5.16
CA GLN A 9 -2.85 -2.22 -5.96
C GLN A 9 -1.64 -1.31 -5.77
N CYS A 10 -1.21 -1.09 -4.52
CA CYS A 10 -0.04 -0.25 -4.25
C CYS A 10 1.17 -0.81 -4.99
N LYS A 11 1.48 -2.05 -4.71
CA LYS A 11 2.63 -2.74 -5.33
C LYS A 11 2.53 -2.83 -6.87
N HIS A 12 1.33 -3.15 -7.39
CA HIS A 12 1.14 -3.31 -8.84
C HIS A 12 1.37 -2.01 -9.61
N GLN A 13 0.55 -0.99 -9.31
CA GLN A 13 0.65 0.31 -10.00
C GLN A 13 1.99 0.99 -9.75
N CYS A 14 2.53 0.84 -8.54
CA CYS A 14 3.80 1.49 -8.20
C CYS A 14 5.02 0.75 -8.77
N LYS A 15 4.81 -0.48 -9.24
CA LYS A 15 5.89 -1.27 -9.85
C LYS A 15 5.81 -1.20 -11.39
N VAL A 16 4.59 -1.24 -11.92
CA VAL A 16 4.36 -1.27 -13.38
C VAL A 16 4.46 0.11 -14.03
N GLN A 17 4.07 1.15 -13.29
CA GLN A 17 4.02 2.51 -13.84
C GLN A 17 5.39 3.14 -13.92
N ARG A 18 5.67 3.75 -15.08
CA ARG A 18 6.94 4.45 -15.32
C ARG A 18 7.09 5.64 -14.38
N GLN A 19 5.97 6.33 -14.10
CA GLN A 19 5.97 7.53 -13.26
C GLN A 19 6.48 7.24 -11.85
N TYR A 20 6.11 6.08 -11.28
CA TYR A 20 6.55 5.73 -9.93
C TYR A 20 7.99 5.20 -9.97
N ASP A 21 8.84 5.71 -9.05
CA ASP A 21 10.27 5.38 -9.02
C ASP A 21 10.57 4.11 -8.18
N GLU A 22 11.87 3.85 -7.91
CA GLU A 22 12.30 2.72 -7.08
C GLU A 22 12.06 3.04 -5.62
N GLU A 23 12.65 4.15 -5.16
CA GLU A 23 12.46 4.59 -3.78
C GLU A 23 10.99 4.86 -3.51
N GLN A 24 10.33 5.44 -4.50
CA GLN A 24 8.89 5.75 -4.42
C GLN A 24 8.10 4.47 -4.26
N LYS A 25 8.52 3.42 -4.96
CA LYS A 25 7.88 2.12 -4.85
C LYS A 25 7.94 1.64 -3.41
N GLU A 26 9.08 1.87 -2.74
CA GLU A 26 9.20 1.43 -1.35
C GLU A 26 8.15 2.12 -0.50
N GLN A 27 8.05 3.43 -0.66
CA GLN A 27 7.08 4.24 0.08
C GLN A 27 5.66 3.82 -0.26
N CYS A 28 5.39 3.51 -1.53
CA CYS A 28 4.06 3.09 -1.98
C CYS A 28 3.66 1.77 -1.32
N ALA A 29 4.51 0.76 -1.47
CA ALA A 29 4.28 -0.56 -0.92
C ALA A 29 4.19 -0.53 0.59
N LYS A 30 4.98 0.35 1.20
CA LYS A 30 5.00 0.49 2.66
C LYS A 30 3.64 0.94 3.17
N GLY A 31 3.00 1.90 2.46
CA GLY A 31 1.70 2.41 2.89
C GLY A 31 0.61 1.33 2.88
N CYS A 32 0.45 0.64 1.74
CA CYS A 32 -0.56 -0.43 1.63
C CYS A 32 -0.21 -1.64 2.45
N GLU A 33 1.07 -2.01 2.45
CA GLU A 33 1.51 -3.17 3.19
C GLU A 33 1.31 -2.93 4.69
N LYS A 34 1.73 -1.75 5.15
CA LYS A 34 1.62 -1.40 6.56
C LYS A 34 0.16 -1.25 6.99
N TYR A 35 -0.66 -0.59 6.17
CA TYR A 35 -2.06 -0.33 6.53
C TYR A 35 -2.97 -1.55 6.31
N TYR A 36 -3.19 -1.89 5.04
CA TYR A 36 -4.08 -3.00 4.69
C TYR A 36 -3.55 -4.35 5.16
N LYS A 37 -2.22 -4.53 5.09
CA LYS A 37 -1.62 -5.81 5.48
C LYS A 37 -1.22 -5.86 6.97
N GLU A 38 -0.48 -4.83 7.49
CA GLU A 38 -0.01 -4.90 8.90
C GLU A 38 -1.00 -4.31 9.91
N LYS A 39 -1.73 -3.24 9.52
CA LYS A 39 -2.66 -2.58 10.45
C LYS A 39 -4.00 -3.30 10.49
N LYS A 40 -4.35 -3.80 11.68
CA LYS A 40 -5.62 -4.52 11.89
C LYS A 40 -6.84 -3.60 11.67
N GLY A 41 -6.63 -2.28 11.81
CA GLY A 41 -7.71 -1.31 11.62
C GLY A 41 -7.61 -0.17 12.64
N ARG A 42 -7.09 0.97 12.17
CA ARG A 42 -6.94 2.16 13.03
C ARG A 42 -7.22 3.44 12.23
N GLU A 43 -8.09 4.30 12.76
CA GLU A 43 -8.45 5.57 12.10
C GLU A 43 -7.33 6.59 12.29
N GLN A 44 -7.13 7.41 11.25
CA GLN A 44 -6.09 8.45 11.27
C GLN A 44 -6.62 9.77 10.73
N GLU A 45 -5.79 10.81 10.80
CA GLU A 45 -6.16 12.14 10.30
C GLU A 45 -5.95 12.26 8.77
N GLU A 46 -5.68 11.13 8.11
CA GLU A 46 -5.48 11.11 6.66
C GLU A 46 -6.45 10.11 6.02
N LEU A 47 -7.11 10.54 4.93
CA LEU A 47 -8.07 9.70 4.23
C LEU A 47 -7.35 8.56 3.50
N GLU A 48 -7.93 7.36 3.56
CA GLU A 48 -7.36 6.18 2.90
C GLU A 48 -8.32 5.00 2.96
N GLY A 1 1.75 -17.96 -3.39
CA GLY A 1 0.49 -18.54 -3.92
C GLY A 1 -0.66 -18.19 -2.97
N LYS A 2 -0.86 -16.87 -2.75
CA LYS A 2 -1.93 -16.38 -1.87
C LYS A 2 -2.78 -15.36 -2.60
N THR A 3 -4.09 -15.34 -2.28
CA THR A 3 -5.01 -14.38 -2.89
C THR A 3 -6.09 -13.94 -1.89
N ASP A 4 -6.35 -12.62 -1.87
CA ASP A 4 -7.37 -12.01 -0.98
C ASP A 4 -7.20 -10.46 -0.94
N PRO A 5 -6.01 -9.95 -0.56
CA PRO A 5 -5.77 -8.46 -0.40
C PRO A 5 -5.63 -7.72 -1.72
N GLU A 6 -5.99 -6.43 -1.70
CA GLU A 6 -5.81 -5.53 -2.84
C GLU A 6 -4.31 -5.10 -2.96
N LEU A 7 -3.55 -5.31 -1.87
CA LEU A 7 -2.14 -4.95 -1.79
C LEU A 7 -1.36 -5.37 -3.06
N LYS A 8 -1.75 -6.48 -3.69
CA LYS A 8 -1.06 -6.91 -4.90
C LYS A 8 -1.17 -5.81 -5.96
N GLN A 9 -2.39 -5.29 -6.13
CA GLN A 9 -2.67 -4.26 -7.13
C GLN A 9 -1.87 -2.97 -6.87
N CYS A 10 -1.78 -2.54 -5.59
CA CYS A 10 -1.03 -1.34 -5.25
C CYS A 10 0.43 -1.51 -5.64
N LYS A 11 1.07 -2.50 -5.03
CA LYS A 11 2.49 -2.78 -5.27
C LYS A 11 2.77 -3.07 -6.76
N HIS A 12 1.86 -3.79 -7.42
CA HIS A 12 2.04 -4.15 -8.84
C HIS A 12 2.14 -2.87 -9.70
N GLN A 13 1.15 -1.98 -9.55
CA GLN A 13 1.11 -0.75 -10.36
C GLN A 13 2.36 0.07 -10.11
N CYS A 14 2.68 0.24 -8.83
CA CYS A 14 3.80 1.07 -8.42
C CYS A 14 5.16 0.50 -8.83
N LYS A 15 5.21 -0.79 -9.22
CA LYS A 15 6.46 -1.39 -9.66
C LYS A 15 6.56 -1.40 -11.20
N VAL A 16 5.42 -1.69 -11.86
CA VAL A 16 5.38 -1.80 -13.33
C VAL A 16 5.43 -0.43 -14.03
N GLN A 17 4.91 0.60 -13.36
CA GLN A 17 4.82 1.95 -13.96
C GLN A 17 6.14 2.71 -13.85
N ARG A 18 6.66 3.14 -15.00
CA ARG A 18 7.90 3.92 -15.07
C ARG A 18 7.73 5.29 -14.41
N GLN A 19 6.52 5.86 -14.54
CA GLN A 19 6.22 7.20 -14.03
C GLN A 19 6.46 7.27 -12.51
N TYR A 20 6.12 6.19 -11.79
CA TYR A 20 6.35 6.16 -10.34
C TYR A 20 7.85 6.06 -10.05
N ASP A 21 8.28 6.64 -8.91
CA ASP A 21 9.70 6.66 -8.53
C ASP A 21 10.09 5.42 -7.73
N GLU A 22 11.39 5.32 -7.39
CA GLU A 22 11.90 4.19 -6.59
C GLU A 22 11.50 4.39 -5.13
N GLU A 23 11.90 5.52 -4.55
CA GLU A 23 11.58 5.85 -3.16
C GLU A 23 10.06 5.94 -2.96
N GLN A 24 9.39 6.51 -3.97
CA GLN A 24 7.95 6.65 -3.95
C GLN A 24 7.27 5.29 -4.00
N LYS A 25 7.89 4.36 -4.76
CA LYS A 25 7.38 2.99 -4.85
C LYS A 25 7.35 2.39 -3.45
N GLU A 26 8.40 2.66 -2.65
CA GLU A 26 8.45 2.12 -1.29
C GLU A 26 7.26 2.64 -0.49
N GLN A 27 6.99 3.94 -0.62
CA GLN A 27 5.87 4.58 0.06
C GLN A 27 4.55 3.98 -0.41
N CYS A 28 4.46 3.69 -1.73
CA CYS A 28 3.27 3.08 -2.30
C CYS A 28 3.02 1.72 -1.67
N ALA A 29 4.08 0.90 -1.65
CA ALA A 29 4.03 -0.43 -1.06
C ALA A 29 3.68 -0.38 0.42
N LYS A 30 4.21 0.65 1.09
CA LYS A 30 3.98 0.87 2.50
C LYS A 30 2.49 1.18 2.77
N GLY A 31 1.86 1.96 1.88
CA GLY A 31 0.44 2.32 2.04
C GLY A 31 -0.44 1.09 1.99
N CYS A 32 -0.32 0.31 0.92
CA CYS A 32 -1.09 -0.91 0.73
C CYS A 32 -0.74 -1.99 1.74
N GLU A 33 0.52 -2.05 2.13
CA GLU A 33 0.98 -3.02 3.10
C GLU A 33 0.36 -2.75 4.48
N LYS A 34 0.29 -1.47 4.86
CA LYS A 34 -0.22 -1.11 6.19
C LYS A 34 -1.73 -0.89 6.22
N TYR A 35 -2.30 -0.32 5.16
CA TYR A 35 -3.74 -0.05 5.09
C TYR A 35 -4.57 -1.30 4.76
N TYR A 36 -4.03 -2.17 3.90
CA TYR A 36 -4.77 -3.38 3.48
C TYR A 36 -4.21 -4.65 4.09
N LYS A 37 -2.90 -4.69 4.36
CA LYS A 37 -2.28 -5.87 4.95
C LYS A 37 -2.20 -5.75 6.48
N GLU A 38 -1.89 -4.54 7.01
CA GLU A 38 -1.80 -4.35 8.47
C GLU A 38 -3.09 -3.77 9.08
N LYS A 39 -3.90 -3.10 8.24
CA LYS A 39 -5.15 -2.48 8.68
C LYS A 39 -4.91 -1.51 9.83
N LYS A 40 -5.96 -0.77 10.21
CA LYS A 40 -5.88 0.20 11.32
C LYS A 40 -4.67 1.13 11.18
N GLY A 41 -4.89 2.31 10.59
CA GLY A 41 -3.82 3.30 10.42
C GLY A 41 -4.37 4.72 10.64
N ARG A 42 -3.92 5.37 11.73
CA ARG A 42 -4.36 6.73 12.05
C ARG A 42 -3.40 7.43 13.03
N GLU A 43 -3.54 8.76 13.13
CA GLU A 43 -2.71 9.57 14.04
C GLU A 43 -3.49 10.79 14.52
N GLN A 44 -3.14 11.31 15.70
CA GLN A 44 -3.82 12.48 16.27
C GLN A 44 -2.90 13.28 17.19
N GLU A 45 -2.98 14.61 17.07
CA GLU A 45 -2.18 15.52 17.90
C GLU A 45 -0.67 15.30 17.70
N GLU A 46 -0.14 15.83 16.61
CA GLU A 46 1.29 15.73 16.31
C GLU A 46 1.84 17.06 15.77
N LEU A 47 3.01 17.46 16.29
CA LEU A 47 3.64 18.71 15.87
C LEU A 47 4.41 18.51 14.57
N GLU A 48 4.40 19.54 13.72
CA GLU A 48 5.10 19.49 12.44
C GLU A 48 5.80 20.82 12.17
N GLY A 1 -17.54 -7.06 -2.03
CA GLY A 1 -16.85 -5.81 -1.62
C GLY A 1 -15.35 -6.03 -1.62
N LYS A 2 -14.72 -5.82 -2.78
CA LYS A 2 -13.28 -6.01 -2.92
C LYS A 2 -12.87 -7.43 -2.52
N THR A 3 -13.62 -8.42 -3.03
CA THR A 3 -13.36 -9.85 -2.76
C THR A 3 -11.86 -10.17 -2.75
N ASP A 4 -11.15 -9.68 -3.79
CA ASP A 4 -9.70 -9.89 -3.88
C ASP A 4 -8.95 -8.85 -3.01
N PRO A 5 -7.70 -9.12 -2.58
CA PRO A 5 -6.91 -8.15 -1.74
C PRO A 5 -6.42 -6.96 -2.56
N GLU A 6 -6.34 -5.80 -1.90
CA GLU A 6 -5.87 -4.58 -2.55
C GLU A 6 -4.34 -4.49 -2.56
N LEU A 7 -3.71 -4.95 -1.47
CA LEU A 7 -2.25 -4.85 -1.33
C LEU A 7 -1.52 -5.28 -2.59
N LYS A 8 -2.06 -6.29 -3.27
CA LYS A 8 -1.48 -6.76 -4.54
C LYS A 8 -1.49 -5.61 -5.56
N GLN A 9 -2.65 -4.96 -5.68
CA GLN A 9 -2.82 -3.86 -6.63
C GLN A 9 -1.88 -2.69 -6.32
N CYS A 10 -1.74 -2.38 -5.02
CA CYS A 10 -0.86 -1.31 -4.57
C CYS A 10 0.58 -1.58 -5.00
N LYS A 11 1.14 -2.69 -4.53
CA LYS A 11 2.51 -3.06 -4.84
C LYS A 11 2.71 -3.24 -6.35
N HIS A 12 1.67 -3.76 -7.03
CA HIS A 12 1.75 -4.01 -8.48
C HIS A 12 1.97 -2.70 -9.27
N GLN A 13 1.11 -1.69 -9.03
CA GLN A 13 1.21 -0.42 -9.78
C GLN A 13 2.56 0.23 -9.62
N CYS A 14 3.05 0.28 -8.37
CA CYS A 14 4.38 0.86 -8.12
C CYS A 14 5.51 -0.11 -8.54
N LYS A 15 5.17 -1.40 -8.76
CA LYS A 15 6.12 -2.39 -9.27
C LYS A 15 6.38 -2.11 -10.77
N VAL A 16 5.31 -1.79 -11.50
CA VAL A 16 5.40 -1.49 -12.95
C VAL A 16 5.46 0.02 -13.23
N GLN A 17 5.56 0.84 -12.16
CA GLN A 17 5.61 2.30 -12.25
C GLN A 17 6.28 2.83 -13.54
N ARG A 18 5.65 3.84 -14.14
CA ARG A 18 6.19 4.49 -15.33
C ARG A 18 6.51 5.96 -15.02
N GLN A 19 5.63 6.61 -14.26
CA GLN A 19 5.83 8.00 -13.85
C GLN A 19 6.44 8.10 -12.44
N TYR A 20 6.47 6.97 -11.70
CA TYR A 20 7.00 6.96 -10.32
C TYR A 20 8.44 6.45 -10.31
N ASP A 21 9.22 6.85 -9.30
CA ASP A 21 10.62 6.42 -9.16
C ASP A 21 10.75 5.33 -8.09
N GLU A 22 11.96 4.76 -7.95
CA GLU A 22 12.17 3.64 -7.03
C GLU A 22 11.74 4.02 -5.61
N GLU A 23 12.13 5.20 -5.15
CA GLU A 23 11.75 5.67 -3.82
C GLU A 23 10.23 5.71 -3.71
N GLN A 24 9.57 6.14 -4.79
CA GLN A 24 8.11 6.21 -4.81
C GLN A 24 7.52 4.83 -4.61
N LYS A 25 8.17 3.81 -5.18
CA LYS A 25 7.72 2.43 -5.01
C LYS A 25 7.68 2.09 -3.52
N GLU A 26 8.69 2.57 -2.77
CA GLU A 26 8.74 2.30 -1.33
C GLU A 26 7.50 2.86 -0.66
N GLN A 27 7.16 4.12 -0.99
CA GLN A 27 5.98 4.77 -0.41
C GLN A 27 4.71 3.98 -0.74
N CYS A 28 4.60 3.44 -1.98
CA CYS A 28 3.43 2.63 -2.34
C CYS A 28 3.35 1.42 -1.44
N ALA A 29 4.47 0.70 -1.34
CA ALA A 29 4.53 -0.54 -0.57
C ALA A 29 4.16 -0.31 0.89
N LYS A 30 4.57 0.85 1.43
CA LYS A 30 4.25 1.16 2.81
C LYS A 30 2.74 1.27 2.99
N GLY A 31 2.05 1.91 2.04
CA GLY A 31 0.59 2.11 2.14
C GLY A 31 -0.15 0.77 2.21
N CYS A 32 0.16 -0.12 1.26
CA CYS A 32 -0.49 -1.45 1.21
C CYS A 32 -0.13 -2.33 2.40
N GLU A 33 1.17 -2.47 2.68
CA GLU A 33 1.62 -3.29 3.77
C GLU A 33 1.16 -2.74 5.13
N LYS A 34 1.30 -1.43 5.32
CA LYS A 34 0.93 -0.78 6.59
C LYS A 34 -0.59 -0.76 6.81
N TYR A 35 -1.36 -0.30 5.82
CA TYR A 35 -2.82 -0.20 5.97
C TYR A 35 -3.51 -1.55 5.82
N TYR A 36 -3.39 -2.16 4.65
CA TYR A 36 -4.08 -3.41 4.36
C TYR A 36 -3.49 -4.61 5.11
N LYS A 37 -2.18 -4.57 5.46
CA LYS A 37 -1.53 -5.72 6.10
C LYS A 37 -1.27 -5.53 7.61
N GLU A 38 -0.74 -4.35 8.02
CA GLU A 38 -0.46 -4.11 9.45
C GLU A 38 -1.76 -3.86 10.23
N LYS A 39 -2.67 -3.09 9.62
CA LYS A 39 -3.95 -2.76 10.24
C LYS A 39 -5.04 -3.75 9.79
N LYS A 40 -6.05 -3.92 10.65
CA LYS A 40 -7.13 -4.89 10.39
C LYS A 40 -7.89 -4.56 9.10
N GLY A 41 -8.14 -3.26 8.85
CA GLY A 41 -8.89 -2.85 7.65
C GLY A 41 -8.45 -1.48 7.14
N ARG A 42 -8.85 -1.18 5.89
CA ARG A 42 -8.52 0.10 5.26
C ARG A 42 -9.27 1.26 5.94
N GLU A 43 -8.59 2.41 6.10
CA GLU A 43 -9.20 3.59 6.72
C GLU A 43 -8.67 4.89 6.11
N GLN A 44 -7.38 4.92 5.75
CA GLN A 44 -6.74 6.12 5.20
C GLN A 44 -6.74 7.24 6.24
N GLU A 45 -5.56 7.83 6.49
CA GLU A 45 -5.43 8.92 7.48
C GLU A 45 -4.12 9.69 7.27
N GLU A 46 -4.03 10.89 7.88
CA GLU A 46 -2.82 11.73 7.77
C GLU A 46 -2.68 12.63 9.01
N LEU A 47 -1.43 13.06 9.28
CA LEU A 47 -1.15 13.94 10.42
C LEU A 47 -0.96 15.39 9.95
N GLU A 48 -1.10 16.34 10.90
CA GLU A 48 -0.92 17.76 10.61
C GLU A 48 -1.00 18.59 11.89
N GLY A 1 -9.13 -16.76 5.68
CA GLY A 1 -9.99 -15.78 6.42
C GLY A 1 -10.30 -14.58 5.51
N LYS A 2 -9.26 -14.07 4.86
CA LYS A 2 -9.40 -12.92 3.95
C LYS A 2 -8.77 -13.23 2.60
N THR A 3 -9.31 -12.61 1.55
CA THR A 3 -8.83 -12.83 0.19
C THR A 3 -8.95 -11.58 -0.67
N ASP A 4 -8.41 -11.65 -1.90
CA ASP A 4 -8.43 -10.54 -2.83
C ASP A 4 -7.90 -9.22 -2.16
N PRO A 5 -6.69 -9.25 -1.53
CA PRO A 5 -6.11 -8.03 -0.88
C PRO A 5 -6.03 -6.81 -1.82
N GLU A 6 -6.47 -5.65 -1.32
CA GLU A 6 -6.39 -4.38 -2.05
C GLU A 6 -4.93 -3.91 -2.17
N LEU A 7 -4.16 -4.12 -1.09
CA LEU A 7 -2.78 -3.69 -1.06
C LEU A 7 -2.00 -4.14 -2.31
N LYS A 8 -2.49 -5.22 -2.97
CA LYS A 8 -1.86 -5.71 -4.18
C LYS A 8 -1.95 -4.64 -5.25
N GLN A 9 -3.15 -4.04 -5.36
CA GLN A 9 -3.42 -3.03 -6.37
C GLN A 9 -2.48 -1.86 -6.21
N CYS A 10 -2.21 -1.45 -4.95
CA CYS A 10 -1.26 -0.37 -4.69
C CYS A 10 0.12 -0.75 -5.24
N LYS A 11 0.67 -1.85 -4.71
CA LYS A 11 1.99 -2.34 -5.14
C LYS A 11 2.07 -2.45 -6.67
N HIS A 12 0.95 -2.81 -7.31
CA HIS A 12 0.90 -2.95 -8.77
C HIS A 12 1.25 -1.62 -9.46
N GLN A 13 0.58 -0.54 -9.03
CA GLN A 13 0.78 0.78 -9.69
C GLN A 13 2.24 1.17 -9.63
N CYS A 14 2.82 1.07 -8.43
CA CYS A 14 4.23 1.46 -8.22
C CYS A 14 5.20 0.50 -8.92
N LYS A 15 4.71 -0.69 -9.31
CA LYS A 15 5.53 -1.70 -9.98
C LYS A 15 5.40 -1.62 -11.52
N VAL A 16 4.32 -0.99 -12.02
CA VAL A 16 4.07 -0.95 -13.48
C VAL A 16 4.15 0.46 -14.08
N GLN A 17 3.75 1.48 -13.30
CA GLN A 17 3.73 2.86 -13.79
C GLN A 17 5.12 3.47 -13.87
N ARG A 18 5.33 4.28 -14.90
CA ARG A 18 6.62 4.96 -15.12
C ARG A 18 6.76 6.23 -14.23
N GLN A 19 5.66 6.64 -13.58
CA GLN A 19 5.68 7.81 -12.70
C GLN A 19 6.01 7.39 -11.24
N TYR A 20 6.89 6.38 -11.12
CA TYR A 20 7.40 5.95 -9.82
C TYR A 20 8.86 5.48 -9.94
N ASP A 21 9.69 5.84 -8.96
CA ASP A 21 11.10 5.42 -8.94
C ASP A 21 11.30 4.29 -7.92
N GLU A 22 12.48 3.65 -7.94
CA GLU A 22 12.73 2.49 -7.06
C GLU A 22 12.50 2.87 -5.60
N GLU A 23 13.02 4.02 -5.18
CA GLU A 23 12.81 4.49 -3.81
C GLU A 23 11.33 4.68 -3.53
N GLN A 24 10.62 5.18 -4.53
CA GLN A 24 9.17 5.40 -4.43
C GLN A 24 8.43 4.09 -4.31
N LYS A 25 9.01 3.03 -4.91
CA LYS A 25 8.42 1.69 -4.81
C LYS A 25 8.41 1.27 -3.36
N GLU A 26 9.50 1.60 -2.63
CA GLU A 26 9.57 1.25 -1.22
C GLU A 26 8.46 1.95 -0.46
N GLN A 27 8.28 3.25 -0.74
CA GLN A 27 7.25 4.05 -0.09
C GLN A 27 5.85 3.52 -0.42
N CYS A 28 5.66 3.13 -1.69
CA CYS A 28 4.36 2.60 -2.13
C CYS A 28 4.01 1.35 -1.34
N ALA A 29 4.99 0.46 -1.24
CA ALA A 29 4.87 -0.78 -0.47
C ALA A 29 4.65 -0.50 1.00
N LYS A 30 5.26 0.59 1.48
CA LYS A 30 5.13 0.99 2.86
C LYS A 30 3.67 1.30 3.19
N GLY A 31 2.99 2.00 2.27
CA GLY A 31 1.58 2.38 2.47
C GLY A 31 0.65 1.17 2.49
N CYS A 32 0.51 0.51 1.34
CA CYS A 32 -0.40 -0.64 1.18
C CYS A 32 -0.11 -1.83 2.08
N GLU A 33 1.16 -2.08 2.40
CA GLU A 33 1.48 -3.18 3.30
C GLU A 33 1.25 -2.77 4.78
N LYS A 34 1.43 -1.48 5.10
CA LYS A 34 1.27 -1.01 6.47
C LYS A 34 -0.19 -0.70 6.83
N TYR A 35 -0.89 -0.02 5.93
CA TYR A 35 -2.29 0.35 6.16
C TYR A 35 -3.25 -0.83 6.05
N TYR A 36 -2.99 -1.74 5.10
CA TYR A 36 -3.90 -2.88 4.87
C TYR A 36 -3.36 -4.18 5.48
N LYS A 37 -2.03 -4.28 5.61
CA LYS A 37 -1.41 -5.52 6.10
C LYS A 37 -0.87 -5.41 7.55
N GLU A 38 -0.17 -4.30 7.89
CA GLU A 38 0.37 -4.15 9.26
C GLU A 38 -0.75 -3.95 10.28
N LYS A 39 -1.79 -3.20 9.89
CA LYS A 39 -2.91 -2.90 10.79
C LYS A 39 -4.22 -2.73 10.02
N LYS A 40 -5.34 -2.76 10.76
CA LYS A 40 -6.68 -2.64 10.16
C LYS A 40 -6.87 -1.31 9.39
N GLY A 41 -6.16 -0.25 9.84
CA GLY A 41 -6.26 1.06 9.19
C GLY A 41 -5.82 2.18 10.13
N ARG A 42 -5.36 3.29 9.55
CA ARG A 42 -4.91 4.45 10.32
C ARG A 42 -6.10 5.28 10.84
N GLU A 43 -7.09 5.51 9.96
CA GLU A 43 -8.26 6.32 10.32
C GLU A 43 -7.85 7.75 10.72
N GLN A 44 -7.54 8.56 9.70
CA GLN A 44 -7.05 9.94 9.91
C GLN A 44 -8.17 10.99 9.72
N GLU A 45 -9.44 10.57 9.91
CA GLU A 45 -10.60 11.49 9.82
C GLU A 45 -10.94 11.97 8.39
N GLU A 46 -9.95 11.95 7.47
CA GLU A 46 -10.16 12.41 6.06
C GLU A 46 -8.83 12.48 5.27
N LEU A 47 -7.69 12.41 5.97
CA LEU A 47 -6.37 12.46 5.32
C LEU A 47 -5.99 11.11 4.75
N GLU A 48 -5.31 11.12 3.59
CA GLU A 48 -4.87 9.89 2.94
C GLU A 48 -4.03 10.19 1.70
N GLY A 1 -10.44 -13.98 4.09
CA GLY A 1 -11.16 -12.86 4.74
C GLY A 1 -10.92 -11.57 3.96
N LYS A 2 -9.63 -11.27 3.72
CA LYS A 2 -9.25 -10.06 2.98
C LYS A 2 -9.84 -10.06 1.56
N THR A 3 -10.06 -11.26 1.01
CA THR A 3 -10.64 -11.42 -0.34
C THR A 3 -10.02 -10.44 -1.35
N ASP A 4 -8.79 -10.75 -1.79
CA ASP A 4 -8.09 -9.93 -2.77
C ASP A 4 -8.14 -8.41 -2.39
N PRO A 5 -7.39 -7.96 -1.36
CA PRO A 5 -7.39 -6.52 -0.94
C PRO A 5 -6.84 -5.60 -2.04
N GLU A 6 -7.35 -4.37 -2.08
CA GLU A 6 -6.96 -3.39 -3.10
C GLU A 6 -5.54 -2.82 -2.87
N LEU A 7 -5.17 -2.57 -1.59
CA LEU A 7 -3.90 -1.92 -1.28
C LEU A 7 -2.70 -2.72 -1.78
N LYS A 8 -2.72 -4.06 -1.64
CA LYS A 8 -1.61 -4.89 -2.18
C LYS A 8 -1.36 -4.49 -3.64
N GLN A 9 -2.45 -4.25 -4.38
CA GLN A 9 -2.37 -3.84 -5.77
C GLN A 9 -1.68 -2.48 -5.90
N CYS A 10 -1.92 -1.55 -4.93
CA CYS A 10 -1.25 -0.24 -4.97
C CYS A 10 0.25 -0.46 -5.16
N LYS A 11 0.80 -1.33 -4.31
CA LYS A 11 2.20 -1.72 -4.41
C LYS A 11 2.46 -2.39 -5.78
N HIS A 12 1.50 -3.21 -6.23
CA HIS A 12 1.64 -3.94 -7.50
C HIS A 12 1.88 -2.99 -8.67
N GLN A 13 0.87 -2.15 -8.99
CA GLN A 13 0.97 -1.24 -10.14
C GLN A 13 2.22 -0.38 -10.09
N CYS A 14 2.53 0.15 -8.90
CA CYS A 14 3.71 0.98 -8.76
C CYS A 14 4.96 0.18 -9.10
N LYS A 15 5.06 -1.01 -8.50
CA LYS A 15 6.22 -1.89 -8.68
C LYS A 15 6.40 -2.37 -10.14
N VAL A 16 5.29 -2.76 -10.79
CA VAL A 16 5.35 -3.34 -12.14
C VAL A 16 5.63 -2.32 -13.26
N GLN A 17 5.14 -1.09 -13.07
CA GLN A 17 5.30 -0.05 -14.09
C GLN A 17 6.66 0.63 -14.01
N ARG A 18 7.35 0.68 -15.17
CA ARG A 18 8.67 1.32 -15.26
C ARG A 18 8.56 2.87 -15.19
N GLN A 19 7.37 3.39 -15.49
CA GLN A 19 7.14 4.85 -15.50
C GLN A 19 7.39 5.45 -14.12
N TYR A 20 6.96 4.73 -13.07
CA TYR A 20 7.11 5.21 -11.70
C TYR A 20 8.59 5.20 -11.27
N ASP A 21 8.94 6.12 -10.38
CA ASP A 21 10.33 6.26 -9.89
C ASP A 21 10.68 5.17 -8.89
N GLU A 22 11.98 5.06 -8.55
CA GLU A 22 12.43 4.08 -7.55
C GLU A 22 11.98 4.55 -6.17
N GLU A 23 12.39 5.78 -5.82
CA GLU A 23 12.03 6.37 -4.53
C GLU A 23 10.51 6.50 -4.41
N GLN A 24 9.87 6.87 -5.53
CA GLN A 24 8.43 6.98 -5.58
C GLN A 24 7.80 5.61 -5.33
N LYS A 25 8.40 4.55 -5.92
CA LYS A 25 7.87 3.19 -5.82
C LYS A 25 7.74 2.73 -4.37
N GLU A 26 8.80 2.98 -3.57
CA GLU A 26 8.77 2.56 -2.16
C GLU A 26 7.71 3.31 -1.40
N GLN A 27 7.60 4.61 -1.66
CA GLN A 27 6.60 5.44 -1.00
C GLN A 27 5.19 4.93 -1.32
N CYS A 28 4.98 4.52 -2.59
CA CYS A 28 3.68 4.00 -3.02
C CYS A 28 3.34 2.69 -2.29
N ALA A 29 4.25 1.73 -2.40
CA ALA A 29 4.08 0.41 -1.79
C ALA A 29 3.97 0.51 -0.27
N LYS A 30 4.75 1.40 0.30
CA LYS A 30 4.79 1.61 1.74
C LYS A 30 3.43 2.06 2.26
N GLY A 31 2.76 2.96 1.53
CA GLY A 31 1.45 3.47 1.94
C GLY A 31 0.40 2.35 2.01
N CYS A 32 0.36 1.52 0.96
CA CYS A 32 -0.62 0.43 0.87
C CYS A 32 -0.35 -0.73 1.81
N GLU A 33 0.87 -1.22 1.82
CA GLU A 33 1.23 -2.33 2.68
C GLU A 33 1.19 -1.92 4.16
N LYS A 34 1.61 -0.67 4.46
CA LYS A 34 1.74 -0.25 5.84
C LYS A 34 0.42 0.15 6.50
N TYR A 35 -0.39 0.96 5.79
CA TYR A 35 -1.67 1.44 6.36
C TYR A 35 -2.73 0.35 6.45
N TYR A 36 -2.87 -0.47 5.39
CA TYR A 36 -3.92 -1.51 5.39
C TYR A 36 -3.38 -2.88 5.79
N LYS A 37 -2.09 -3.12 5.55
CA LYS A 37 -1.51 -4.44 5.86
C LYS A 37 -0.72 -4.44 7.18
N GLU A 38 0.23 -3.49 7.40
CA GLU A 38 1.04 -3.51 8.65
C GLU A 38 0.41 -2.68 9.79
N LYS A 39 -0.66 -1.93 9.49
CA LYS A 39 -1.28 -1.07 10.49
C LYS A 39 -2.80 -1.09 10.35
N LYS A 40 -3.50 -0.73 11.43
CA LYS A 40 -4.99 -0.73 11.47
C LYS A 40 -5.56 -2.16 11.48
N GLY A 41 -4.69 -3.16 11.74
CA GLY A 41 -5.11 -4.56 11.81
C GLY A 41 -5.90 -4.97 10.58
N ARG A 42 -7.04 -5.64 10.81
CA ARG A 42 -7.90 -6.11 9.72
C ARG A 42 -9.31 -6.40 10.23
N GLU A 43 -10.25 -6.55 9.26
CA GLU A 43 -11.70 -6.82 9.49
C GLU A 43 -12.10 -6.90 10.99
N GLN A 44 -11.68 -7.99 11.67
CA GLN A 44 -12.03 -8.18 13.08
C GLN A 44 -10.99 -7.53 14.02
N GLU A 45 -10.89 -6.19 13.91
CA GLU A 45 -9.96 -5.43 14.75
C GLU A 45 -10.52 -4.03 15.06
N GLU A 46 -10.40 -3.62 16.33
CA GLU A 46 -10.85 -2.30 16.76
C GLU A 46 -9.69 -1.50 17.36
N LEU A 47 -8.95 -0.81 16.50
CA LEU A 47 -7.79 -0.01 16.93
C LEU A 47 -8.19 1.05 17.96
N GLU A 48 -7.47 1.06 19.10
CA GLU A 48 -7.73 2.02 20.18
C GLU A 48 -6.70 1.87 21.29
N GLY A 1 -4.72 -9.98 4.41
CA GLY A 1 -5.91 -9.35 3.75
C GLY A 1 -6.84 -10.43 3.24
N LYS A 2 -8.15 -10.18 3.35
CA LYS A 2 -9.16 -11.15 2.90
C LYS A 2 -10.19 -10.48 2.00
N THR A 3 -10.72 -11.26 1.05
CA THR A 3 -11.73 -10.76 0.11
C THR A 3 -11.26 -9.48 -0.59
N ASP A 4 -10.81 -9.62 -1.84
CA ASP A 4 -10.36 -8.49 -2.65
C ASP A 4 -9.39 -7.57 -1.83
N PRO A 5 -8.15 -8.02 -1.54
CA PRO A 5 -7.17 -7.21 -0.73
C PRO A 5 -6.73 -5.95 -1.45
N GLU A 6 -6.64 -4.86 -0.69
CA GLU A 6 -6.17 -3.56 -1.20
C GLU A 6 -4.66 -3.58 -1.48
N LEU A 7 -3.92 -4.26 -0.59
CA LEU A 7 -2.46 -4.28 -0.67
C LEU A 7 -1.94 -4.59 -2.07
N LYS A 8 -2.52 -5.60 -2.72
CA LYS A 8 -2.11 -5.94 -4.08
C LYS A 8 -2.15 -4.70 -5.00
N GLN A 9 -3.25 -3.93 -4.92
CA GLN A 9 -3.44 -2.79 -5.80
C GLN A 9 -2.30 -1.76 -5.67
N CYS A 10 -1.92 -1.40 -4.42
CA CYS A 10 -0.82 -0.44 -4.23
C CYS A 10 0.44 -1.02 -4.84
N LYS A 11 0.73 -2.26 -4.43
CA LYS A 11 1.95 -2.95 -4.82
C LYS A 11 2.08 -3.09 -6.35
N HIS A 12 0.97 -3.39 -7.04
CA HIS A 12 1.03 -3.52 -8.51
C HIS A 12 1.49 -2.21 -9.15
N GLN A 13 0.87 -1.10 -8.73
CA GLN A 13 1.18 0.21 -9.35
C GLN A 13 2.68 0.51 -9.25
N CYS A 14 3.24 0.39 -8.04
CA CYS A 14 4.68 0.60 -7.85
C CYS A 14 5.51 -0.47 -8.57
N LYS A 15 4.95 -1.68 -8.66
CA LYS A 15 5.58 -2.78 -9.42
C LYS A 15 5.66 -2.42 -10.92
N VAL A 16 4.60 -1.79 -11.42
CA VAL A 16 4.56 -1.35 -12.83
C VAL A 16 4.96 0.15 -12.96
N GLN A 17 5.54 0.70 -11.88
CA GLN A 17 5.95 2.11 -11.82
C GLN A 17 6.48 2.63 -13.17
N ARG A 18 5.93 3.76 -13.57
CA ARG A 18 6.33 4.45 -14.79
C ARG A 18 6.51 5.95 -14.50
N GLN A 19 5.62 6.49 -13.66
CA GLN A 19 5.65 7.91 -13.28
C GLN A 19 6.19 8.12 -11.85
N TYR A 20 6.08 7.08 -11.01
CA TYR A 20 6.48 7.18 -9.59
C TYR A 20 8.01 7.04 -9.42
N ASP A 21 8.55 7.79 -8.45
CA ASP A 21 10.00 7.79 -8.16
C ASP A 21 10.45 6.46 -7.53
N GLU A 22 11.77 6.21 -7.54
CA GLU A 22 12.31 4.98 -6.91
C GLU A 22 12.02 5.01 -5.41
N GLU A 23 12.42 6.11 -4.78
CA GLU A 23 12.24 6.26 -3.33
C GLU A 23 10.78 6.13 -2.98
N GLN A 24 9.91 6.71 -3.81
CA GLN A 24 8.48 6.59 -3.61
C GLN A 24 8.10 5.11 -3.69
N LYS A 25 8.64 4.40 -4.71
CA LYS A 25 8.27 2.99 -4.96
C LYS A 25 8.31 2.20 -3.64
N GLU A 26 9.38 2.38 -2.87
CA GLU A 26 9.49 1.72 -1.57
C GLU A 26 8.32 2.17 -0.68
N GLN A 27 8.07 3.48 -0.70
CA GLN A 27 7.00 4.10 0.08
C GLN A 27 5.62 3.53 -0.31
N CYS A 28 5.44 3.19 -1.60
CA CYS A 28 4.18 2.61 -2.10
C CYS A 28 3.86 1.29 -1.39
N ALA A 29 4.81 0.35 -1.47
CA ALA A 29 4.64 -0.96 -0.88
C ALA A 29 4.40 -0.89 0.62
N LYS A 30 5.08 0.05 1.28
CA LYS A 30 4.91 0.23 2.72
C LYS A 30 3.53 0.78 3.06
N GLY A 31 3.00 1.67 2.22
CA GLY A 31 1.69 2.28 2.49
C GLY A 31 0.61 1.20 2.60
N CYS A 32 0.53 0.33 1.58
CA CYS A 32 -0.45 -0.76 1.59
C CYS A 32 -0.08 -1.89 2.53
N GLU A 33 1.22 -2.17 2.64
CA GLU A 33 1.69 -3.23 3.53
C GLU A 33 1.33 -2.86 4.97
N LYS A 34 1.56 -1.61 5.33
CA LYS A 34 1.25 -1.15 6.67
C LYS A 34 -0.25 -0.86 6.86
N TYR A 35 -0.88 -0.26 5.85
CA TYR A 35 -2.30 0.13 5.90
C TYR A 35 -3.27 -1.07 5.87
N TYR A 36 -3.04 -2.00 4.94
CA TYR A 36 -3.97 -3.13 4.75
C TYR A 36 -3.46 -4.41 5.38
N LYS A 37 -2.13 -4.54 5.47
CA LYS A 37 -1.52 -5.74 6.02
C LYS A 37 -1.13 -5.59 7.51
N GLU A 38 -0.48 -4.46 7.90
CA GLU A 38 -0.01 -4.33 9.31
C GLU A 38 -1.06 -3.79 10.28
N LYS A 39 -1.87 -2.80 9.85
CA LYS A 39 -2.91 -2.20 10.73
C LYS A 39 -4.09 -1.68 9.92
N LYS A 40 -5.30 -2.06 10.33
CA LYS A 40 -6.53 -1.57 9.68
C LYS A 40 -7.07 -0.33 10.41
N GLY A 41 -7.74 0.57 9.67
CA GLY A 41 -8.28 1.79 10.26
C GLY A 41 -8.88 2.73 9.21
N ARG A 42 -9.12 3.98 9.62
CA ARG A 42 -9.70 5.00 8.74
C ARG A 42 -8.79 5.21 7.50
N GLU A 43 -8.96 6.35 6.79
CA GLU A 43 -8.16 6.65 5.59
C GLU A 43 -8.40 5.57 4.51
N GLN A 44 -9.67 5.22 4.30
CA GLN A 44 -10.05 4.20 3.31
C GLN A 44 -9.41 4.48 1.95
N GLU A 45 -9.15 3.40 1.21
CA GLU A 45 -8.58 3.48 -0.15
C GLU A 45 -7.42 4.52 -0.20
N GLU A 46 -6.32 4.21 0.49
CA GLU A 46 -5.16 5.12 0.58
C GLU A 46 -4.65 5.54 -0.84
N LEU A 47 -3.38 5.98 -0.94
CA LEU A 47 -2.80 6.41 -2.21
C LEU A 47 -2.94 5.30 -3.26
N GLU A 48 -3.43 5.68 -4.46
CA GLU A 48 -3.66 4.73 -5.58
C GLU A 48 -4.04 3.31 -5.10
N GLY A 1 -14.00 -15.56 5.07
CA GLY A 1 -13.77 -16.75 4.21
C GLY A 1 -12.28 -16.88 3.90
N LYS A 2 -11.76 -15.91 3.13
CA LYS A 2 -10.35 -15.90 2.75
C LYS A 2 -9.84 -14.46 2.58
N THR A 3 -8.52 -14.29 2.67
CA THR A 3 -7.90 -12.96 2.55
C THR A 3 -7.75 -12.55 1.08
N ASP A 4 -7.63 -11.24 0.87
CA ASP A 4 -7.45 -10.67 -0.46
C ASP A 4 -7.17 -9.14 -0.36
N PRO A 5 -6.00 -8.73 0.18
CA PRO A 5 -5.67 -7.28 0.40
C PRO A 5 -5.38 -6.54 -0.91
N GLU A 6 -5.74 -5.25 -0.92
CA GLU A 6 -5.47 -4.36 -2.06
C GLU A 6 -3.95 -4.14 -2.25
N LEU A 7 -3.18 -4.40 -1.18
CA LEU A 7 -1.74 -4.19 -1.20
C LEU A 7 -1.07 -4.81 -2.44
N LYS A 8 -1.58 -5.94 -2.91
CA LYS A 8 -1.01 -6.58 -4.09
C LYS A 8 -1.10 -5.60 -5.28
N GLN A 9 -2.29 -5.02 -5.47
CA GLN A 9 -2.55 -4.14 -6.62
C GLN A 9 -1.64 -2.90 -6.68
N CYS A 10 -1.44 -2.19 -5.52
CA CYS A 10 -0.59 -0.99 -5.54
C CYS A 10 0.81 -1.37 -5.98
N LYS A 11 1.33 -2.41 -5.34
CA LYS A 11 2.67 -2.92 -5.63
C LYS A 11 2.77 -3.42 -7.08
N HIS A 12 1.72 -4.13 -7.56
CA HIS A 12 1.74 -4.70 -8.91
C HIS A 12 2.04 -3.61 -9.95
N GLN A 13 1.12 -2.65 -10.11
CA GLN A 13 1.33 -1.57 -11.10
C GLN A 13 2.64 -0.87 -10.84
N CYS A 14 2.85 -0.49 -9.58
CA CYS A 14 4.07 0.18 -9.18
C CYS A 14 5.32 -0.68 -9.46
N LYS A 15 5.09 -1.98 -9.79
CA LYS A 15 6.17 -2.87 -10.20
C LYS A 15 6.26 -2.97 -11.75
N VAL A 16 5.17 -2.59 -12.46
CA VAL A 16 5.11 -2.66 -13.95
C VAL A 16 4.75 -1.29 -14.61
N GLN A 17 4.97 -0.16 -13.89
CA GLN A 17 4.64 1.20 -14.45
C GLN A 17 5.78 1.80 -15.28
N ARG A 18 5.38 2.68 -16.22
CA ARG A 18 6.33 3.34 -17.13
C ARG A 18 7.18 4.41 -16.41
N GLN A 19 6.55 5.17 -15.49
CA GLN A 19 7.25 6.25 -14.74
C GLN A 19 7.77 5.76 -13.36
N TYR A 20 7.74 4.45 -13.17
CA TYR A 20 8.16 3.81 -11.92
C TYR A 20 9.67 3.94 -11.73
N ASP A 21 10.06 4.81 -10.80
CA ASP A 21 11.47 4.95 -10.41
C ASP A 21 11.64 4.23 -9.05
N GLU A 22 12.88 3.88 -8.69
CA GLU A 22 13.13 3.09 -7.45
C GLU A 22 12.52 3.79 -6.22
N GLU A 23 12.78 5.10 -6.08
CA GLU A 23 12.24 5.87 -4.95
C GLU A 23 10.71 5.84 -4.98
N GLN A 24 10.16 5.96 -6.19
CA GLN A 24 8.71 5.96 -6.39
C GLN A 24 8.10 4.65 -5.92
N LYS A 25 8.83 3.55 -6.17
CA LYS A 25 8.40 2.23 -5.74
C LYS A 25 8.22 2.23 -4.22
N GLU A 26 9.16 2.88 -3.51
CA GLU A 26 9.12 2.90 -2.05
C GLU A 26 7.83 3.55 -1.54
N GLN A 27 7.52 4.74 -2.09
CA GLN A 27 6.34 5.49 -1.67
C GLN A 27 5.04 4.75 -1.97
N CYS A 28 4.96 4.14 -3.16
CA CYS A 28 3.76 3.40 -3.57
C CYS A 28 3.51 2.20 -2.65
N ALA A 29 4.54 1.38 -2.48
CA ALA A 29 4.47 0.19 -1.65
C ALA A 29 4.15 0.54 -0.20
N LYS A 30 4.69 1.67 0.26
CA LYS A 30 4.45 2.14 1.60
C LYS A 30 2.96 2.49 1.80
N GLY A 31 2.34 3.08 0.75
CA GLY A 31 0.93 3.48 0.81
C GLY A 31 0.01 2.29 1.05
N CYS A 32 -0.06 1.37 0.07
CA CYS A 32 -0.91 0.18 0.21
C CYS A 32 -0.55 -0.61 1.47
N GLU A 33 0.73 -0.65 1.80
CA GLU A 33 1.19 -1.33 2.97
C GLU A 33 0.57 -0.71 4.22
N LYS A 34 0.48 0.63 4.22
CA LYS A 34 -0.04 1.35 5.37
C LYS A 34 -1.58 1.40 5.41
N TYR A 35 -2.21 1.68 4.25
CA TYR A 35 -3.67 1.81 4.16
C TYR A 35 -4.42 0.50 4.31
N TYR A 36 -3.89 -0.58 3.71
CA TYR A 36 -4.59 -1.89 3.74
C TYR A 36 -3.92 -2.90 4.66
N LYS A 37 -2.59 -2.77 4.84
CA LYS A 37 -1.86 -3.71 5.68
C LYS A 37 -1.66 -3.19 7.12
N GLU A 38 -1.24 -1.90 7.29
CA GLU A 38 -1.01 -1.35 8.65
C GLU A 38 -2.32 -1.13 9.40
N LYS A 39 -3.37 -0.70 8.67
CA LYS A 39 -4.68 -0.42 9.29
C LYS A 39 -4.48 0.54 10.53
N LYS A 40 -5.21 0.29 11.65
CA LYS A 40 -5.07 1.13 12.85
C LYS A 40 -4.55 0.32 14.03
N GLY A 41 -3.68 0.95 14.82
CA GLY A 41 -3.09 0.30 15.99
C GLY A 41 -4.00 0.45 17.20
N ARG A 42 -3.51 0.02 18.37
CA ARG A 42 -4.29 0.10 19.61
C ARG A 42 -3.53 0.88 20.68
N GLU A 43 -4.27 1.71 21.42
CA GLU A 43 -3.69 2.51 22.49
C GLU A 43 -4.80 2.94 23.47
N GLN A 44 -5.37 1.96 24.18
CA GLN A 44 -6.45 2.21 25.13
C GLN A 44 -5.92 2.84 26.41
N GLU A 45 -6.76 3.68 27.01
CA GLU A 45 -6.43 4.35 28.26
C GLU A 45 -7.70 4.80 28.99
N GLU A 46 -7.65 4.84 30.32
CA GLU A 46 -8.80 5.26 31.12
C GLU A 46 -8.40 5.56 32.57
N LEU A 47 -8.22 6.85 32.86
CA LEU A 47 -7.84 7.30 34.20
C LEU A 47 -9.06 7.82 34.96
N GLU A 48 -9.04 7.66 36.30
CA GLU A 48 -10.15 8.12 37.17
C GLU A 48 -11.53 7.82 36.55
#